data_7RDV
#
_entry.id   7RDV
#
_cell.length_a   102.562
_cell.length_b   102.562
_cell.length_c   195.695
_cell.angle_alpha   90.000
_cell.angle_beta   90.000
_cell.angle_gamma   120.000
#
_symmetry.space_group_name_H-M   'P 31 2 1'
#
loop_
_entity.id
_entity.type
_entity.pdbx_description
1 polymer 'H-2 class II histocompatibility antigen, A-D alpha chain'
2 polymer 'H-2 class II histocompatibility antigen, A-D beta chain'
3 polymer 'TFH TCR alpha chain'
4 polymer 'TFH TCR beta chain'
5 polymer 'Aggrecan core peptide'
6 non-polymer 2-acetamido-2-deoxy-beta-D-glucopyranose
7 water water
#
loop_
_entity_poly.entity_id
_entity_poly.type
_entity_poly.pdbx_seq_one_letter_code
_entity_poly.pdbx_strand_id
1 'polypeptide(L)'
;EADHVGFYGTTVYQSPGDIGQYTHEFDGDELFYVDLDKKKTVWRLPEFGQLILFEPQGGLQNIAAEKHNLGILTKRSNFT
PATNEAPQATVFPKSPVLLGQPNTLICFVDNIFPPVINITWLRNSKSVTDGVYETSFLVNRDHSFHKLSYLTFIPSDDDI
YDCKVEHWGLEEPVLKHWTSG
;
A
2 'polypeptide(L)'
;ERHFVVQFKGECYYTNGTQRIRLVTRYIYNREEYVRYDSDVGEYRAVTELGRPDAEYWNSQPEILERTRAEVDTACRHNY
EGPETSTSLRRLEQPNVAISLSRTEALNHHNTLVCSVTDFYPAKIKVRWFRNGQEETVGVSSTQLIRNGDWTFQVLVMLE
MTPHQGEVYTCHVEHPSLKSPITVEW
;
B
3 'polypeptide(L)'
;EQVEQLPSILRVQEGSSASINCTYENSASNYFPWYKQEPGENPKLIIDIRSNMERKQTQGLIVLLDKKAKRFSLHITDTQ
PGDSAMYFCAASDDNNNRIFFGDGTQLVVKPNIQNPDPAVYQLRDSKSSDKSVCLFTDFDSQTNVSQSKDSDVYITDKCV
LDMRSMDFKSNSAVAWSNKSDFACANAFNNSIIPEDTFFPSPESS
;
C
4 'polypeptide(L)'
;AVTQSPRNKVAVTGGKVTLSCNQTNNHNNMYWYRQDTGHGLRLIHYSYGAGSTEKGDIPDGYKASRPSQENFSLILELAT
PSQTSVYFCASGGQSNERLFFGHGTKLSVLEDLNKVFPPEVAVFEPSEAEISHTQKATLVCLATGFFPDHVELSWWVNGK
EVHSGVCTDPQPLKEQPALNDSRYALSSRLRVSATFWQNPRNHFRCQVQFYGLSENDEWTQDRAKPVTQIVSAEAWGRAD
;
D
5 'polypeptide(L)' EGRVRVNSAYQS H
#
loop_
_chem_comp.id
_chem_comp.type
_chem_comp.name
_chem_comp.formula
NAG D-saccharide, beta linking 2-acetamido-2-deoxy-beta-D-glucopyranose 'C8 H15 N O6'
#
# COMPACT_ATOMS: atom_id res chain seq x y z
N GLU A 1 19.09 -27.66 -1.72
CA GLU A 1 19.15 -27.36 -3.15
C GLU A 1 20.03 -26.15 -3.43
N ALA A 2 20.51 -25.49 -2.38
CA ALA A 2 21.31 -24.29 -2.53
C ALA A 2 22.23 -24.12 -1.34
N ASP A 3 23.14 -23.15 -1.44
CA ASP A 3 24.11 -22.92 -0.38
C ASP A 3 23.51 -22.16 0.80
N HIS A 4 22.52 -21.31 0.56
CA HIS A 4 21.86 -20.56 1.62
C HIS A 4 20.38 -20.44 1.31
N VAL A 5 19.56 -20.43 2.36
CA VAL A 5 18.11 -20.31 2.22
C VAL A 5 17.60 -19.32 3.26
N GLY A 6 16.81 -18.35 2.81
CA GLY A 6 16.25 -17.34 3.68
C GLY A 6 14.73 -17.42 3.69
N PHE A 7 14.15 -17.36 4.89
CA PHE A 7 12.71 -17.34 5.07
C PHE A 7 12.30 -15.91 5.42
N TYR A 8 11.67 -15.21 4.48
CA TYR A 8 11.24 -13.83 4.67
C TYR A 8 9.74 -13.76 4.44
N GLY A 9 8.99 -13.49 5.49
CA GLY A 9 7.55 -13.39 5.38
C GLY A 9 6.77 -14.59 5.85
N THR A 10 7.38 -15.48 6.64
CA THR A 10 6.66 -16.64 7.16
C THR A 10 5.57 -16.18 8.12
N THR A 11 4.32 -16.46 7.79
CA THR A 11 3.17 -15.99 8.53
C THR A 11 2.31 -17.17 8.96
N VAL A 12 1.85 -17.15 10.20
CA VAL A 12 0.98 -18.18 10.76
C VAL A 12 -0.20 -17.50 11.42
N TYR A 13 -1.35 -18.16 11.40
CA TYR A 13 -2.53 -17.66 12.09
C TYR A 13 -3.49 -18.80 12.39
N GLN A 14 -4.15 -18.72 13.54
CA GLN A 14 -5.16 -19.68 13.96
C GLN A 14 -6.48 -18.98 14.22
N SER A 15 -7.57 -19.60 13.78
CA SER A 15 -8.90 -19.01 13.87
C SER A 15 -9.48 -19.08 15.28
N PRO A 16 -9.50 -20.25 15.94
CA PRO A 16 -10.17 -20.31 17.26
C PRO A 16 -9.52 -19.43 18.30
N GLY A 17 -8.19 -19.45 18.40
CA GLY A 17 -7.51 -18.64 19.39
C GLY A 17 -7.27 -17.20 18.99
N ASP A 18 -7.47 -16.86 17.71
CA ASP A 18 -7.11 -15.55 17.18
C ASP A 18 -5.64 -15.24 17.49
N ILE A 19 -4.78 -16.17 17.12
CA ILE A 19 -3.36 -16.12 17.47
C ILE A 19 -2.54 -16.40 16.22
N GLY A 20 -1.53 -15.57 15.98
CA GLY A 20 -0.62 -15.77 14.88
C GLY A 20 0.75 -15.24 15.22
N GLN A 21 1.69 -15.43 14.30
CA GLN A 21 3.05 -14.92 14.50
C GLN A 21 3.69 -14.66 13.15
N TYR A 22 4.63 -13.73 13.14
CA TYR A 22 5.39 -13.36 11.94
C TYR A 22 6.87 -13.39 12.27
N THR A 23 7.64 -14.15 11.51
CA THR A 23 9.06 -14.32 11.76
C THR A 23 9.84 -14.24 10.46
N HIS A 24 11.15 -14.01 10.59
CA HIS A 24 12.10 -14.13 9.50
C HIS A 24 13.21 -15.06 9.94
N GLU A 25 13.69 -15.90 9.03
CA GLU A 25 14.72 -16.87 9.33
C GLU A 25 15.74 -16.91 8.20
N PHE A 26 16.97 -17.28 8.55
CA PHE A 26 18.04 -17.44 7.57
C PHE A 26 18.84 -18.68 7.93
N ASP A 27 18.94 -19.62 6.99
CA ASP A 27 19.72 -20.85 7.17
C ASP A 27 19.29 -21.62 8.42
N GLY A 28 17.97 -21.61 8.68
CA GLY A 28 17.41 -22.39 9.76
C GLY A 28 17.38 -21.71 11.12
N ASP A 29 17.98 -20.53 11.26
CA ASP A 29 17.98 -19.81 12.51
C ASP A 29 17.06 -18.61 12.43
N GLU A 30 16.45 -18.28 13.57
CA GLU A 30 15.47 -17.20 13.64
C GLU A 30 16.16 -15.85 13.60
N LEU A 31 15.75 -14.99 12.66
CA LEU A 31 16.28 -13.64 12.60
C LEU A 31 15.53 -12.72 13.56
N PHE A 32 14.21 -12.73 13.53
CA PHE A 32 13.40 -11.94 14.45
C PHE A 32 11.98 -12.47 14.43
N TYR A 33 11.15 -11.89 15.30
CA TYR A 33 9.70 -12.10 15.29
C TYR A 33 9.04 -10.78 15.66
N VAL A 34 7.76 -10.66 15.32
CA VAL A 34 7.00 -9.44 15.56
C VAL A 34 6.06 -9.70 16.73
N ASP A 35 6.29 -9.02 17.84
CA ASP A 35 5.39 -9.07 18.98
C ASP A 35 4.09 -8.36 18.63
N LEU A 36 3.02 -9.14 18.44
CA LEU A 36 1.77 -8.55 17.99
C LEU A 36 1.14 -7.64 19.04
N ASP A 37 1.36 -7.94 20.32
CA ASP A 37 0.80 -7.10 21.38
C ASP A 37 1.56 -5.78 21.47
N LYS A 38 2.87 -5.84 21.68
CA LYS A 38 3.68 -4.64 21.78
C LYS A 38 3.93 -3.98 20.43
N LYS A 39 3.56 -4.63 19.32
CA LYS A 39 3.72 -4.08 17.97
C LYS A 39 5.17 -3.69 17.69
N LYS A 40 6.11 -4.52 18.14
CA LYS A 40 7.52 -4.25 17.97
C LYS A 40 8.24 -5.50 17.45
N THR A 41 9.36 -5.26 16.77
CA THR A 41 10.21 -6.33 16.26
C THR A 41 11.24 -6.73 17.32
N VAL A 42 11.29 -8.01 17.63
CA VAL A 42 12.22 -8.54 18.63
C VAL A 42 13.21 -9.42 17.89
N TRP A 43 14.41 -8.90 17.65
CA TRP A 43 15.45 -9.67 17.00
C TRP A 43 16.00 -10.73 17.95
N ARG A 44 16.23 -11.93 17.41
CA ARG A 44 16.80 -13.01 18.22
C ARG A 44 18.20 -12.65 18.68
N LEU A 45 19.00 -12.07 17.79
CA LEU A 45 20.32 -11.55 18.15
C LEU A 45 20.26 -10.03 18.17
N PRO A 46 20.39 -9.39 19.34
CA PRO A 46 20.27 -7.92 19.38
C PRO A 46 21.30 -7.19 18.53
N GLU A 47 22.49 -7.77 18.36
CA GLU A 47 23.53 -7.11 17.57
C GLU A 47 23.08 -6.93 16.13
N PHE A 48 22.36 -7.90 15.56
CA PHE A 48 21.87 -7.79 14.20
C PHE A 48 20.75 -6.77 14.08
N GLY A 49 20.06 -6.46 15.17
CA GLY A 49 18.99 -5.49 15.11
C GLY A 49 19.49 -4.07 14.95
N GLN A 50 20.71 -3.79 15.40
CA GLN A 50 21.30 -2.47 15.21
C GLN A 50 21.75 -2.22 13.78
N LEU A 51 21.92 -3.28 12.98
CA LEU A 51 22.36 -3.16 11.61
C LEU A 51 21.22 -3.21 10.60
N ILE A 52 20.12 -3.89 10.93
CA ILE A 52 18.99 -4.09 10.02
C ILE A 52 17.73 -3.57 10.67
N LEU A 53 16.98 -2.74 9.93
CA LEU A 53 15.70 -2.22 10.40
C LEU A 53 14.57 -2.90 9.63
N PHE A 54 13.67 -3.55 10.36
CA PHE A 54 12.43 -4.09 9.80
C PHE A 54 11.27 -3.50 10.58
N GLU A 55 10.53 -2.60 9.94
CA GLU A 55 9.38 -1.99 10.62
C GLU A 55 8.35 -3.06 10.92
N PRO A 56 7.81 -3.11 12.14
CA PRO A 56 6.91 -4.21 12.50
C PRO A 56 5.62 -4.22 11.70
N GLN A 57 5.19 -3.08 11.16
CA GLN A 57 3.88 -3.02 10.51
C GLN A 57 3.80 -3.97 9.31
N GLY A 58 4.92 -4.14 8.60
CA GLY A 58 4.94 -5.12 7.52
C GLY A 58 4.54 -6.51 7.98
N GLY A 59 5.06 -6.93 9.14
CA GLY A 59 4.64 -8.21 9.69
C GLY A 59 3.16 -8.26 10.00
N LEU A 60 2.65 -7.22 10.67
CA LEU A 60 1.22 -7.17 10.99
C LEU A 60 0.37 -7.17 9.73
N GLN A 61 0.90 -6.68 8.61
CA GLN A 61 0.13 -6.68 7.37
C GLN A 61 0.00 -8.07 6.79
N ASN A 62 1.05 -8.88 6.90
CA ASN A 62 0.96 -10.27 6.46
C ASN A 62 0.06 -11.09 7.38
N ILE A 63 0.05 -10.76 8.68
CA ILE A 63 -0.85 -11.44 9.61
C ILE A 63 -2.30 -11.18 9.22
N ALA A 64 -2.63 -9.92 8.94
CA ALA A 64 -3.99 -9.56 8.58
C ALA A 64 -4.43 -10.24 7.28
N ALA A 65 -3.48 -10.49 6.37
CA ALA A 65 -3.82 -11.13 5.12
C ALA A 65 -4.13 -12.62 5.32
N GLU A 66 -3.33 -13.30 6.16
CA GLU A 66 -3.62 -14.70 6.44
C GLU A 66 -4.83 -14.85 7.34
N LYS A 67 -5.05 -13.91 8.25
CA LYS A 67 -6.28 -13.91 9.05
C LYS A 67 -7.50 -13.91 8.15
N HIS A 68 -7.45 -13.16 7.05
CA HIS A 68 -8.56 -13.12 6.10
C HIS A 68 -8.59 -14.37 5.24
N ASN A 69 -7.42 -14.85 4.79
CA ASN A 69 -7.38 -16.07 4.00
C ASN A 69 -7.86 -17.27 4.78
N LEU A 70 -7.65 -17.28 6.09
CA LEU A 70 -8.11 -18.39 6.92
C LEU A 70 -9.63 -18.54 6.85
N GLY A 71 -10.35 -17.43 6.94
CA GLY A 71 -11.79 -17.48 6.75
C GLY A 71 -12.19 -17.97 5.38
N ILE A 72 -11.37 -17.68 4.37
CA ILE A 72 -11.67 -18.12 3.00
C ILE A 72 -11.35 -19.60 2.84
N LEU A 73 -10.17 -20.02 3.30
CA LEU A 73 -9.76 -21.41 3.13
C LEU A 73 -10.55 -22.34 4.04
N THR A 74 -11.02 -21.86 5.20
CA THR A 74 -11.84 -22.69 6.07
C THR A 74 -13.16 -23.06 5.40
N LYS A 75 -13.70 -22.16 4.56
CA LYS A 75 -14.86 -22.50 3.76
C LYS A 75 -14.49 -23.32 2.53
N ARG A 76 -13.34 -23.04 1.91
CA ARG A 76 -12.98 -23.70 0.66
C ARG A 76 -12.81 -25.20 0.87
N SER A 77 -11.90 -25.59 1.75
CA SER A 77 -11.97 -26.93 2.30
C SER A 77 -13.23 -27.03 3.16
N ASN A 78 -13.88 -28.19 3.12
CA ASN A 78 -15.15 -28.36 3.82
C ASN A 78 -14.94 -28.38 5.34
N PHE A 79 -14.40 -27.27 5.85
CA PHE A 79 -14.18 -27.07 7.29
C PHE A 79 -13.30 -28.17 7.88
N THR A 80 -12.29 -28.58 7.13
CA THR A 80 -11.32 -29.56 7.60
C THR A 80 -10.55 -28.98 8.78
N PRO A 81 -10.62 -29.59 9.96
CA PRO A 81 -9.89 -29.08 11.12
C PRO A 81 -8.43 -29.51 11.10
N ALA A 82 -7.63 -28.80 11.89
CA ALA A 82 -6.23 -29.16 12.04
C ALA A 82 -6.10 -30.48 12.77
N THR A 83 -5.14 -31.30 12.35
CA THR A 83 -4.87 -32.58 12.99
C THR A 83 -3.82 -32.37 14.09
N ASN A 84 -4.24 -32.54 15.34
CA ASN A 84 -3.30 -32.46 16.45
C ASN A 84 -2.23 -33.53 16.31
N GLU A 85 -0.98 -33.14 16.50
CA GLU A 85 0.15 -34.04 16.32
C GLU A 85 0.88 -34.21 17.65
N ALA A 86 1.75 -35.22 17.69
CA ALA A 86 2.46 -35.57 18.91
C ALA A 86 3.86 -34.97 18.87
N PRO A 87 4.20 -34.03 19.74
CA PRO A 87 5.55 -33.46 19.73
C PRO A 87 6.55 -34.36 20.43
N GLN A 88 7.76 -34.42 19.87
CA GLN A 88 8.85 -35.24 20.39
C GLN A 88 9.88 -34.32 21.04
N ALA A 89 9.88 -34.27 22.36
CA ALA A 89 10.78 -33.38 23.09
C ALA A 89 12.15 -34.05 23.30
N THR A 90 13.14 -33.21 23.57
CA THR A 90 14.51 -33.67 23.82
C THR A 90 15.23 -32.63 24.66
N VAL A 91 16.02 -33.09 25.63
CA VAL A 91 16.71 -32.22 26.56
C VAL A 91 18.22 -32.43 26.42
N PHE A 92 18.97 -31.31 26.38
CA PHE A 92 20.42 -31.35 26.25
C PHE A 92 20.97 -29.99 26.67
N PRO A 93 22.24 -29.94 27.10
CA PRO A 93 22.82 -28.65 27.52
C PRO A 93 23.56 -27.93 26.42
N LYS A 94 23.76 -26.61 26.58
CA LYS A 94 24.41 -25.82 25.54
C LYS A 94 25.90 -26.15 25.43
N SER A 95 26.61 -26.11 26.56
CA SER A 95 28.04 -26.36 26.59
C SER A 95 28.33 -27.58 27.46
N PRO A 96 29.53 -28.15 27.42
CA PRO A 96 29.83 -29.33 28.24
C PRO A 96 29.58 -29.06 29.73
N VAL A 97 29.00 -30.07 30.39
CA VAL A 97 28.61 -29.93 31.79
C VAL A 97 29.86 -29.96 32.66
N LEU A 98 29.99 -28.95 33.52
CA LEU A 98 31.03 -28.91 34.55
C LEU A 98 30.37 -28.73 35.90
N LEU A 99 30.69 -29.62 36.85
CA LEU A 99 30.04 -29.61 38.14
C LEU A 99 30.30 -28.30 38.87
N GLY A 100 29.22 -27.56 39.16
CA GLY A 100 29.32 -26.28 39.82
C GLY A 100 29.48 -25.08 38.92
N GLN A 101 29.58 -25.29 37.62
CA GLN A 101 29.76 -24.23 36.63
C GLN A 101 28.42 -23.81 36.05
N PRO A 102 28.36 -22.65 35.39
CA PRO A 102 27.09 -22.23 34.78
C PRO A 102 26.90 -22.80 33.38
N ASN A 103 25.72 -23.35 33.11
CA ASN A 103 25.40 -23.89 31.80
C ASN A 103 23.92 -23.72 31.54
N THR A 104 23.54 -23.86 30.28
CA THR A 104 22.17 -23.62 29.84
C THR A 104 21.56 -24.92 29.33
N LEU A 105 20.41 -25.29 29.88
CA LEU A 105 19.71 -26.51 29.50
C LEU A 105 18.66 -26.18 28.44
N ILE A 106 18.59 -27.01 27.39
CA ILE A 106 17.71 -26.78 26.26
C ILE A 106 16.71 -27.92 26.18
N CYS A 107 15.45 -27.58 25.91
CA CYS A 107 14.38 -28.56 25.72
C CYS A 107 13.90 -28.45 24.27
N PHE A 108 14.57 -29.16 23.37
CA PHE A 108 14.18 -29.18 21.97
C PHE A 108 12.86 -29.94 21.82
N VAL A 109 11.84 -29.26 21.31
CA VAL A 109 10.55 -29.87 21.02
C VAL A 109 10.32 -29.78 19.52
N ASP A 110 10.04 -30.92 18.90
CA ASP A 110 9.88 -31.02 17.45
C ASP A 110 8.49 -31.53 17.12
N ASN A 111 8.11 -31.36 15.86
CA ASN A 111 6.85 -31.87 15.33
C ASN A 111 5.65 -31.32 16.12
N ILE A 112 5.52 -30.01 16.09
CA ILE A 112 4.47 -29.29 16.81
C ILE A 112 3.44 -28.82 15.80
N PHE A 113 2.19 -29.21 16.02
CA PHE A 113 1.07 -28.82 15.15
C PHE A 113 -0.24 -29.18 15.84
N PRO A 114 -1.09 -28.19 16.14
CA PRO A 114 -0.98 -26.73 15.93
C PRO A 114 0.07 -26.04 16.81
N PRO A 115 0.46 -24.81 16.43
CA PRO A 115 1.47 -24.09 17.23
C PRO A 115 0.94 -23.55 18.55
N VAL A 116 0.34 -24.43 19.36
CA VAL A 116 -0.09 -24.10 20.71
C VAL A 116 0.57 -25.11 21.64
N ILE A 117 1.33 -24.62 22.62
CA ILE A 117 2.10 -25.51 23.49
C ILE A 117 2.42 -24.79 24.79
N ASN A 118 2.75 -25.56 25.83
CA ASN A 118 3.16 -25.06 27.13
C ASN A 118 4.44 -25.79 27.52
N ILE A 119 5.59 -25.14 27.38
CA ILE A 119 6.88 -25.71 27.75
C ILE A 119 7.25 -25.15 29.12
N THR A 120 7.28 -26.03 30.13
CA THR A 120 7.57 -25.65 31.50
C THR A 120 8.80 -26.39 32.00
N TRP A 121 9.60 -25.71 32.81
CA TRP A 121 10.79 -26.29 33.42
C TRP A 121 10.52 -26.56 34.89
N LEU A 122 10.81 -27.79 35.33
CA LEU A 122 10.66 -28.19 36.71
C LEU A 122 12.01 -28.60 37.29
N ARG A 123 12.26 -28.16 38.52
CA ARG A 123 13.48 -28.53 39.25
C ARG A 123 13.08 -29.49 40.36
N ASN A 124 13.33 -30.79 40.13
CA ASN A 124 12.96 -31.84 41.06
C ASN A 124 11.48 -31.76 41.41
N SER A 125 10.65 -31.66 40.37
CA SER A 125 9.20 -31.48 40.50
C SER A 125 8.87 -30.19 41.24
N LYS A 126 9.58 -29.11 40.89
CA LYS A 126 9.35 -27.80 41.47
C LYS A 126 9.24 -26.79 40.34
N SER A 127 8.19 -25.98 40.35
CA SER A 127 7.95 -25.02 39.28
C SER A 127 9.04 -23.95 39.27
N VAL A 128 9.67 -23.78 38.11
CA VAL A 128 10.73 -22.80 37.92
C VAL A 128 10.30 -21.84 36.83
N THR A 129 10.10 -20.57 37.20
CA THR A 129 9.71 -19.53 36.26
C THR A 129 10.82 -18.53 36.01
N ASP A 130 12.01 -18.76 36.54
CA ASP A 130 13.13 -17.83 36.44
C ASP A 130 14.25 -18.44 35.60
N GLY A 131 14.83 -17.63 34.72
CA GLY A 131 15.91 -18.08 33.88
C GLY A 131 15.47 -18.86 32.66
N VAL A 132 14.19 -18.76 32.27
CA VAL A 132 13.65 -19.50 31.15
C VAL A 132 13.28 -18.51 30.05
N TYR A 133 13.80 -18.74 28.84
CA TYR A 133 13.37 -18.00 27.67
C TYR A 133 13.27 -18.96 26.51
N GLU A 134 12.15 -18.90 25.79
CA GLU A 134 11.88 -19.79 24.67
C GLU A 134 11.89 -19.00 23.36
N THR A 135 12.29 -19.67 22.29
CA THR A 135 12.24 -19.07 20.97
C THR A 135 10.80 -19.06 20.46
N SER A 136 10.59 -18.36 19.35
CA SER A 136 9.29 -18.40 18.69
C SER A 136 9.11 -19.75 18.01
N PHE A 137 7.96 -19.93 17.35
CA PHE A 137 7.67 -21.17 16.65
C PHE A 137 8.43 -21.20 15.34
N LEU A 138 9.60 -21.84 15.36
CA LEU A 138 10.34 -22.06 14.13
C LEU A 138 9.60 -23.06 13.24
N VAL A 139 9.94 -23.07 11.95
CA VAL A 139 9.17 -23.81 10.97
C VAL A 139 10.00 -24.94 10.38
N ASN A 140 9.30 -25.98 9.91
CA ASN A 140 9.91 -27.14 9.27
C ASN A 140 9.32 -27.33 7.88
N ARG A 141 9.87 -28.31 7.16
CA ARG A 141 9.48 -28.50 5.76
C ARG A 141 8.11 -29.17 5.64
N ASP A 142 7.78 -30.08 6.54
CA ASP A 142 6.46 -30.69 6.57
C ASP A 142 5.41 -29.76 7.16
N HIS A 143 5.74 -28.49 7.34
CA HIS A 143 4.82 -27.45 7.80
C HIS A 143 4.37 -27.70 9.24
N SER A 144 5.20 -28.43 10.00
CA SER A 144 5.10 -28.48 11.44
C SER A 144 6.15 -27.57 12.05
N PHE A 145 5.99 -27.26 13.32
CA PHE A 145 6.85 -26.30 14.00
C PHE A 145 7.71 -26.99 15.05
N HIS A 146 8.77 -26.31 15.46
CA HIS A 146 9.62 -26.77 16.56
C HIS A 146 10.01 -25.57 17.41
N LYS A 147 9.91 -25.73 18.72
CA LYS A 147 10.10 -24.64 19.67
C LYS A 147 11.12 -25.06 20.73
N LEU A 148 12.04 -24.15 21.04
CA LEU A 148 13.14 -24.43 21.95
C LEU A 148 13.04 -23.54 23.18
N SER A 149 13.22 -24.14 24.36
CA SER A 149 13.22 -23.43 25.62
C SER A 149 14.57 -23.60 26.30
N TYR A 150 15.01 -22.55 26.99
CA TYR A 150 16.36 -22.49 27.55
C TYR A 150 16.29 -22.26 29.05
N LEU A 151 17.09 -23.02 29.80
CA LEU A 151 17.13 -22.91 31.26
C LEU A 151 18.59 -22.83 31.69
N THR A 152 18.96 -21.70 32.30
CA THR A 152 20.29 -21.55 32.88
C THR A 152 20.31 -22.23 34.25
N PHE A 153 21.23 -23.17 34.44
CA PHE A 153 21.27 -23.96 35.66
C PHE A 153 22.71 -24.22 36.07
N ILE A 154 22.89 -24.52 37.35
CA ILE A 154 24.18 -24.91 37.91
C ILE A 154 24.10 -26.40 38.25
N PRO A 155 24.72 -27.27 37.45
CA PRO A 155 24.58 -28.72 37.70
C PRO A 155 25.37 -29.15 38.93
N SER A 156 24.72 -29.92 39.80
CA SER A 156 25.36 -30.40 41.02
C SER A 156 24.43 -31.36 41.76
N ASP A 157 25.01 -32.47 42.24
CA ASP A 157 24.39 -33.33 43.26
C ASP A 157 22.99 -33.80 42.86
N ASP A 158 22.85 -34.22 41.60
CA ASP A 158 21.61 -34.79 41.08
C ASP A 158 20.41 -33.90 41.36
N ASP A 159 20.26 -32.83 40.56
CA ASP A 159 19.15 -31.91 40.77
C ASP A 159 17.83 -32.48 40.27
N ILE A 160 17.87 -33.39 39.30
CA ILE A 160 16.70 -34.07 38.75
C ILE A 160 15.76 -33.07 38.08
N TYR A 161 16.24 -32.40 37.03
CA TYR A 161 15.39 -31.54 36.23
C TYR A 161 14.60 -32.37 35.21
N ASP A 162 13.48 -31.82 34.76
CA ASP A 162 12.74 -32.42 33.66
C ASP A 162 11.90 -31.34 32.97
N CYS A 163 11.61 -31.57 31.69
CA CYS A 163 10.92 -30.60 30.85
C CYS A 163 9.52 -31.12 30.52
N LYS A 164 8.49 -30.39 30.94
CA LYS A 164 7.11 -30.78 30.73
C LYS A 164 6.55 -30.06 29.51
N VAL A 165 5.77 -30.80 28.71
CA VAL A 165 5.21 -30.29 27.47
C VAL A 165 3.72 -30.58 27.44
N GLU A 166 2.92 -29.55 27.20
CA GLU A 166 1.46 -29.66 27.12
C GLU A 166 1.01 -29.33 25.70
N HIS A 167 0.37 -30.29 25.04
CA HIS A 167 -0.11 -30.11 23.68
C HIS A 167 -1.48 -30.77 23.55
N TRP A 168 -2.29 -30.23 22.64
CA TRP A 168 -3.60 -30.83 22.38
C TRP A 168 -3.46 -32.27 21.91
N GLY A 169 -2.44 -32.55 21.09
CA GLY A 169 -2.16 -33.89 20.64
C GLY A 169 -1.60 -34.83 21.68
N LEU A 170 -1.42 -34.37 22.91
CA LEU A 170 -0.93 -35.19 24.00
C LEU A 170 -2.02 -35.26 25.09
N GLU A 171 -2.56 -36.45 25.32
CA GLU A 171 -3.51 -36.64 26.40
C GLU A 171 -2.84 -36.53 27.76
N GLU A 172 -1.58 -36.97 27.86
CA GLU A 172 -0.79 -36.83 29.06
C GLU A 172 0.51 -36.12 28.72
N PRO A 173 0.93 -35.13 29.50
CA PRO A 173 2.16 -34.40 29.17
C PRO A 173 3.37 -35.31 29.15
N VAL A 174 4.32 -34.99 28.27
CA VAL A 174 5.56 -35.73 28.12
C VAL A 174 6.66 -35.01 28.88
N LEU A 175 7.34 -35.73 29.77
CA LEU A 175 8.40 -35.17 30.61
C LEU A 175 9.70 -35.89 30.30
N LYS A 176 10.71 -35.12 29.90
CA LYS A 176 12.03 -35.67 29.60
C LYS A 176 13.02 -35.24 30.69
N HIS A 177 13.69 -36.22 31.28
CA HIS A 177 14.53 -36.02 32.44
C HIS A 177 16.00 -35.92 32.03
N TRP A 178 16.78 -35.21 32.84
CA TRP A 178 18.20 -35.03 32.58
C TRP A 178 18.92 -34.75 33.88
N THR A 179 20.11 -35.32 34.04
CA THR A 179 20.94 -35.05 35.20
C THR A 179 22.38 -35.39 34.86
N SER A 180 23.29 -34.77 35.60
CA SER A 180 24.72 -35.03 35.44
C SER A 180 25.42 -34.72 36.75
N GLY A 181 26.52 -35.43 37.00
CA GLY A 181 27.27 -35.27 38.23
C GLY A 181 26.51 -35.78 39.44
N GLU B 1 -13.01 -25.54 20.25
CA GLU B 1 -13.48 -26.90 20.03
C GLU B 1 -12.69 -27.58 18.90
N ARG B 2 -12.76 -27.00 17.70
CA ARG B 2 -11.96 -27.43 16.56
C ARG B 2 -11.02 -26.30 16.19
N HIS B 3 -9.92 -26.64 15.51
CA HIS B 3 -8.86 -25.69 15.24
C HIS B 3 -8.50 -25.65 13.75
N PHE B 4 -8.20 -24.45 13.26
CA PHE B 4 -7.84 -24.22 11.87
C PHE B 4 -6.58 -23.36 11.81
N VAL B 5 -5.67 -23.71 10.90
CA VAL B 5 -4.38 -23.03 10.78
C VAL B 5 -4.12 -22.70 9.31
N VAL B 6 -3.52 -21.54 9.07
CA VAL B 6 -3.00 -21.17 7.76
C VAL B 6 -1.56 -20.70 7.94
N GLN B 7 -0.70 -21.10 7.00
CA GLN B 7 0.69 -20.69 6.99
C GLN B 7 1.06 -20.18 5.61
N PHE B 8 1.78 -19.07 5.56
CA PHE B 8 2.40 -18.59 4.34
C PHE B 8 3.91 -18.52 4.53
N LYS B 9 4.64 -19.01 3.54
CA LYS B 9 6.09 -19.12 3.63
C LYS B 9 6.73 -18.50 2.41
N GLY B 10 7.48 -17.42 2.61
CA GLY B 10 8.33 -16.86 1.57
C GLY B 10 9.74 -17.40 1.75
N GLU B 11 10.27 -17.98 0.66
CA GLU B 11 11.54 -18.70 0.72
C GLU B 11 12.45 -18.23 -0.40
N CYS B 12 13.67 -17.86 -0.04
CA CYS B 12 14.69 -17.41 -0.99
C CYS B 12 15.86 -18.40 -0.96
N TYR B 13 16.22 -18.92 -2.13
CA TYR B 13 17.27 -19.92 -2.26
C TYR B 13 18.43 -19.33 -3.03
N TYR B 14 19.58 -19.20 -2.35
CA TYR B 14 20.79 -18.66 -2.95
C TYR B 14 21.83 -19.77 -3.08
N THR B 15 22.38 -19.91 -4.29
CA THR B 15 23.54 -20.77 -4.50
C THR B 15 24.62 -19.95 -5.21
N ASN B 16 25.86 -20.08 -4.72
CA ASN B 16 26.98 -19.28 -5.18
C ASN B 16 26.67 -17.78 -5.06
N GLY B 17 26.36 -17.38 -3.83
CA GLY B 17 26.03 -15.98 -3.59
C GLY B 17 24.71 -15.63 -4.24
N THR B 18 24.71 -14.54 -5.01
CA THR B 18 23.53 -14.09 -5.76
C THR B 18 23.55 -14.57 -7.20
N GLN B 19 24.49 -15.45 -7.56
CA GLN B 19 24.60 -15.91 -8.95
C GLN B 19 23.29 -16.51 -9.43
N ARG B 20 22.76 -17.48 -8.68
CA ARG B 20 21.45 -18.05 -8.93
C ARG B 20 20.58 -17.85 -7.71
N ILE B 21 19.41 -17.27 -7.90
CA ILE B 21 18.45 -17.02 -6.83
C ILE B 21 17.13 -17.64 -7.22
N ARG B 22 16.46 -18.27 -6.26
CA ARG B 22 15.19 -18.95 -6.50
C ARG B 22 14.19 -18.51 -5.46
N LEU B 23 13.07 -17.96 -5.92
CA LEU B 23 12.00 -17.49 -5.04
C LEU B 23 10.87 -18.50 -5.05
N VAL B 24 10.45 -18.94 -3.87
CA VAL B 24 9.34 -19.88 -3.72
C VAL B 24 8.46 -19.39 -2.58
N THR B 25 7.21 -19.05 -2.89
CA THR B 25 6.22 -18.70 -1.88
C THR B 25 5.21 -19.85 -1.76
N ARG B 26 4.81 -20.15 -0.52
CA ARG B 26 3.94 -21.29 -0.25
C ARG B 26 2.76 -20.83 0.59
N TYR B 27 1.55 -21.06 0.08
CA TYR B 27 0.33 -20.85 0.85
C TYR B 27 -0.15 -22.21 1.37
N ILE B 28 -0.32 -22.30 2.69
CA ILE B 28 -0.51 -23.58 3.38
C ILE B 28 -1.73 -23.48 4.27
N TYR B 29 -2.61 -24.48 4.20
CA TYR B 29 -3.77 -24.59 5.08
C TYR B 29 -3.71 -25.92 5.78
N ASN B 30 -3.56 -25.89 7.11
CA ASN B 30 -3.55 -27.09 7.95
C ASN B 30 -2.62 -28.16 7.40
N ARG B 31 -1.34 -27.79 7.26
CA ARG B 31 -0.26 -28.64 6.79
C ARG B 31 -0.33 -28.95 5.31
N GLU B 32 -1.35 -28.48 4.59
CA GLU B 32 -1.50 -28.74 3.16
C GLU B 32 -1.15 -27.48 2.38
N GLU B 33 -0.07 -27.55 1.61
CA GLU B 33 0.30 -26.48 0.69
C GLU B 33 -0.56 -26.58 -0.56
N TYR B 34 -1.38 -25.57 -0.80
CA TYR B 34 -2.32 -25.62 -1.92
C TYR B 34 -1.89 -24.84 -3.15
N VAL B 35 -1.24 -23.69 -2.99
CA VAL B 35 -0.75 -22.91 -4.11
C VAL B 35 0.66 -22.42 -3.79
N ARG B 36 1.52 -22.41 -4.80
CA ARG B 36 2.89 -21.94 -4.64
C ARG B 36 3.31 -21.19 -5.89
N TYR B 37 4.13 -20.15 -5.69
CA TYR B 37 4.86 -19.51 -6.77
C TYR B 37 6.29 -20.03 -6.76
N ASP B 38 6.83 -20.28 -7.94
CA ASP B 38 8.21 -20.75 -8.10
C ASP B 38 8.84 -19.94 -9.22
N SER B 39 9.96 -19.27 -8.92
CA SER B 39 10.59 -18.42 -9.92
C SER B 39 11.08 -19.22 -11.12
N ASP B 40 11.32 -20.52 -10.97
CA ASP B 40 11.63 -21.35 -12.12
C ASP B 40 10.44 -21.42 -13.08
N VAL B 41 9.22 -21.53 -12.53
CA VAL B 41 8.04 -21.62 -13.38
C VAL B 41 7.67 -20.25 -13.92
N GLY B 42 7.52 -19.26 -13.03
CA GLY B 42 7.20 -17.91 -13.43
C GLY B 42 5.78 -17.48 -13.15
N GLU B 43 4.93 -18.39 -12.70
CA GLU B 43 3.53 -18.07 -12.38
C GLU B 43 3.09 -18.93 -11.20
N TYR B 44 1.87 -18.68 -10.75
CA TYR B 44 1.31 -19.46 -9.65
C TYR B 44 0.74 -20.77 -10.18
N ARG B 45 1.11 -21.87 -9.55
CA ARG B 45 0.60 -23.20 -9.89
C ARG B 45 0.00 -23.83 -8.66
N ALA B 46 -1.22 -24.35 -8.80
CA ALA B 46 -1.88 -25.02 -7.69
C ALA B 46 -1.17 -26.31 -7.34
N VAL B 47 -1.01 -26.56 -6.04
CA VAL B 47 -0.35 -27.77 -5.57
C VAL B 47 -1.36 -28.87 -5.23
N THR B 48 -2.49 -28.50 -4.65
CA THR B 48 -3.61 -29.41 -4.44
C THR B 48 -4.86 -28.77 -5.03
N GLU B 49 -5.96 -29.54 -5.03
CA GLU B 49 -7.23 -29.04 -5.54
C GLU B 49 -7.68 -27.77 -4.81
N LEU B 50 -7.25 -27.61 -3.55
CA LEU B 50 -7.54 -26.38 -2.81
C LEU B 50 -6.94 -25.16 -3.50
N GLY B 51 -5.81 -25.33 -4.19
CA GLY B 51 -5.10 -24.18 -4.74
C GLY B 51 -5.60 -23.70 -6.09
N ARG B 52 -6.40 -24.51 -6.78
CA ARG B 52 -6.87 -24.14 -8.12
C ARG B 52 -7.55 -22.79 -8.18
N PRO B 53 -8.46 -22.41 -7.27
CA PRO B 53 -9.04 -21.06 -7.37
C PRO B 53 -8.01 -19.95 -7.27
N ASP B 54 -7.07 -20.05 -6.34
CA ASP B 54 -6.08 -18.99 -6.15
C ASP B 54 -5.13 -18.89 -7.33
N ALA B 55 -4.60 -20.04 -7.79
CA ALA B 55 -3.65 -20.03 -8.89
C ALA B 55 -4.28 -19.46 -10.16
N GLU B 56 -5.53 -19.83 -10.43
CA GLU B 56 -6.24 -19.28 -11.59
C GLU B 56 -6.54 -17.80 -11.39
N TYR B 57 -6.90 -17.40 -10.17
CA TYR B 57 -7.31 -16.03 -9.92
C TYR B 57 -6.12 -15.08 -9.90
N TRP B 58 -5.00 -15.50 -9.31
CA TRP B 58 -3.84 -14.62 -9.21
C TRP B 58 -3.13 -14.47 -10.54
N ASN B 59 -3.08 -15.53 -11.35
CA ASN B 59 -2.45 -15.44 -12.66
C ASN B 59 -3.19 -14.49 -13.59
N SER B 60 -4.49 -14.27 -13.38
CA SER B 60 -5.25 -13.36 -14.21
C SER B 60 -4.94 -11.89 -13.93
N GLN B 61 -4.26 -11.60 -12.81
CA GLN B 61 -3.89 -10.24 -12.44
C GLN B 61 -2.43 -10.03 -12.81
N PRO B 62 -2.13 -9.33 -13.90
CA PRO B 62 -0.72 -9.15 -14.31
C PRO B 62 0.10 -8.42 -13.26
N GLU B 63 -0.54 -7.69 -12.37
CA GLU B 63 0.18 -6.95 -11.33
C GLU B 63 0.66 -7.88 -10.23
N ILE B 64 -0.21 -8.80 -9.77
CA ILE B 64 0.22 -9.81 -8.81
C ILE B 64 1.42 -10.57 -9.35
N LEU B 65 1.37 -10.95 -10.63
CA LEU B 65 2.49 -11.64 -11.25
C LEU B 65 3.72 -10.73 -11.30
N GLU B 66 3.56 -9.49 -11.77
CA GLU B 66 4.68 -8.57 -11.84
C GLU B 66 5.32 -8.36 -10.48
N ARG B 67 4.51 -8.04 -9.46
CA ARG B 67 5.05 -7.81 -8.13
C ARG B 67 5.71 -9.09 -7.59
N THR B 68 5.03 -10.23 -7.75
CA THR B 68 5.58 -11.49 -7.24
C THR B 68 6.89 -11.86 -7.93
N ARG B 69 6.94 -11.70 -9.26
CA ARG B 69 8.19 -11.97 -9.97
C ARG B 69 9.30 -11.04 -9.50
N ALA B 70 8.96 -9.79 -9.17
CA ALA B 70 9.96 -8.83 -8.75
C ALA B 70 10.51 -9.12 -7.37
N GLU B 71 9.82 -9.93 -6.56
CA GLU B 71 10.27 -10.21 -5.21
C GLU B 71 11.54 -11.05 -5.16
N VAL B 72 11.93 -11.67 -6.28
CA VAL B 72 13.23 -12.36 -6.32
C VAL B 72 14.36 -11.35 -6.23
N ASP B 73 14.12 -10.11 -6.65
CA ASP B 73 15.10 -9.04 -6.54
C ASP B 73 14.83 -8.13 -5.34
N THR B 74 13.59 -7.69 -5.15
CA THR B 74 13.28 -6.74 -4.08
C THR B 74 13.24 -7.38 -2.70
N ALA B 75 13.23 -8.71 -2.61
CA ALA B 75 13.24 -9.39 -1.32
C ALA B 75 14.40 -10.36 -1.19
N CYS B 76 14.56 -11.30 -2.14
CA CYS B 76 15.62 -12.27 -2.05
C CYS B 76 16.99 -11.63 -2.20
N ARG B 77 17.23 -10.99 -3.35
CA ARG B 77 18.53 -10.38 -3.61
C ARG B 77 18.82 -9.26 -2.62
N HIS B 78 17.83 -8.39 -2.39
CA HIS B 78 18.03 -7.24 -1.51
C HIS B 78 18.43 -7.68 -0.10
N ASN B 79 17.76 -8.70 0.43
CA ASN B 79 18.06 -9.15 1.79
C ASN B 79 19.42 -9.81 1.88
N TYR B 80 19.86 -10.51 0.83
CA TYR B 80 21.16 -11.16 0.86
C TYR B 80 22.29 -10.15 0.68
N GLU B 81 22.20 -9.32 -0.35
CA GLU B 81 23.28 -8.38 -0.65
C GLU B 81 23.45 -7.31 0.43
N GLY B 82 22.43 -7.06 1.24
CA GLY B 82 22.49 -6.03 2.24
C GLY B 82 22.48 -6.57 3.66
N PRO B 83 21.29 -6.85 4.17
CA PRO B 83 21.19 -7.30 5.58
C PRO B 83 21.97 -8.57 5.89
N GLU B 84 21.86 -9.61 5.05
CA GLU B 84 22.51 -10.88 5.38
C GLU B 84 24.02 -10.79 5.20
N THR B 85 24.50 -10.08 4.16
CA THR B 85 25.93 -9.92 3.98
C THR B 85 26.55 -9.12 5.12
N SER B 86 25.77 -8.26 5.77
CA SER B 86 26.25 -7.44 6.86
C SER B 86 26.08 -8.08 8.23
N THR B 87 25.41 -9.24 8.30
CA THR B 87 25.14 -9.85 9.60
C THR B 87 25.45 -11.35 9.60
N SER B 88 24.54 -12.15 9.03
CA SER B 88 24.64 -13.60 9.17
C SER B 88 25.86 -14.16 8.44
N LEU B 89 26.16 -13.65 7.24
CA LEU B 89 27.27 -14.18 6.47
C LEU B 89 28.61 -13.87 7.13
N ARG B 90 28.75 -12.68 7.71
CA ARG B 90 30.01 -12.30 8.34
C ARG B 90 30.24 -12.98 9.68
N ARG B 91 29.19 -13.53 10.29
CA ARG B 91 29.29 -14.06 11.64
C ARG B 91 30.22 -15.28 11.68
N LEU B 92 31.26 -15.20 12.50
CA LEU B 92 32.17 -16.32 12.76
C LEU B 92 32.28 -16.49 14.26
N GLU B 93 31.96 -17.69 14.76
CA GLU B 93 32.06 -18.01 16.18
C GLU B 93 32.96 -19.23 16.33
N GLN B 94 34.08 -19.04 17.04
CA GLN B 94 35.07 -20.11 17.19
C GLN B 94 34.56 -21.16 18.18
N PRO B 95 34.77 -22.44 17.88
CA PRO B 95 34.22 -23.49 18.73
C PRO B 95 35.00 -23.68 20.02
N ASN B 96 34.32 -24.27 21.00
CA ASN B 96 34.91 -24.63 22.29
C ASN B 96 34.95 -26.15 22.38
N VAL B 97 36.16 -26.71 22.35
CA VAL B 97 36.36 -28.15 22.34
C VAL B 97 36.94 -28.58 23.69
N ALA B 98 36.47 -29.72 24.20
CA ALA B 98 36.94 -30.24 25.47
C ALA B 98 36.65 -31.74 25.52
N ILE B 99 37.63 -32.51 25.98
CA ILE B 99 37.52 -33.96 26.07
C ILE B 99 37.18 -34.34 27.49
N SER B 100 36.15 -35.17 27.65
CA SER B 100 35.82 -35.74 28.95
C SER B 100 35.72 -37.26 28.83
N LEU B 101 35.16 -37.92 29.84
CA LEU B 101 35.10 -39.38 29.84
C LEU B 101 33.75 -39.82 30.38
N SER B 102 32.99 -40.55 29.55
CA SER B 102 31.72 -41.15 29.93
C SER B 102 30.73 -40.12 30.50
N THR B 112 34.48 -44.65 27.89
CA THR B 112 34.20 -44.09 26.57
C THR B 112 34.48 -42.60 26.55
N LEU B 113 35.61 -42.22 25.95
CA LEU B 113 35.98 -40.81 25.90
C LEU B 113 35.07 -40.05 24.94
N VAL B 114 34.72 -38.83 25.34
CA VAL B 114 33.83 -37.96 24.57
C VAL B 114 34.53 -36.65 24.31
N CYS B 115 34.47 -36.18 23.06
CA CYS B 115 35.02 -34.89 22.66
C CYS B 115 33.85 -33.98 22.28
N SER B 116 33.63 -32.95 23.08
CA SER B 116 32.51 -32.03 22.90
C SER B 116 32.99 -30.76 22.23
N VAL B 117 32.44 -30.46 21.05
CA VAL B 117 32.73 -29.23 20.32
C VAL B 117 31.42 -28.43 20.27
N THR B 118 31.42 -27.26 20.92
CA THR B 118 30.20 -26.50 21.12
C THR B 118 30.38 -25.04 20.73
N ASP B 119 29.25 -24.37 20.54
CA ASP B 119 29.19 -22.91 20.36
C ASP B 119 30.04 -22.44 19.18
N PHE B 120 29.68 -22.90 17.98
CA PHE B 120 30.40 -22.50 16.78
C PHE B 120 29.41 -22.14 15.68
N TYR B 121 29.93 -21.42 14.68
CA TYR B 121 29.16 -20.94 13.54
C TYR B 121 30.15 -20.51 12.46
N PRO B 122 29.89 -20.88 11.20
CA PRO B 122 28.75 -21.61 10.63
C PRO B 122 28.76 -23.12 10.88
N ALA B 123 28.09 -23.86 9.99
CA ALA B 123 27.89 -25.29 10.21
C ALA B 123 29.11 -26.11 9.85
N LYS B 124 29.89 -25.70 8.84
CA LYS B 124 31.02 -26.49 8.38
C LYS B 124 32.03 -26.70 9.51
N ILE B 125 32.27 -27.97 9.84
CA ILE B 125 33.24 -28.33 10.87
C ILE B 125 33.79 -29.70 10.51
N LYS B 126 34.99 -30.01 11.03
CA LYS B 126 35.67 -31.25 10.68
C LYS B 126 36.40 -31.75 11.93
N VAL B 127 35.65 -32.44 12.79
CA VAL B 127 36.19 -33.00 14.02
C VAL B 127 36.75 -34.39 13.73
N ARG B 128 37.98 -34.63 14.18
CA ARG B 128 38.61 -35.94 14.01
C ARG B 128 39.50 -36.20 15.21
N TRP B 129 39.81 -37.47 15.43
CA TRP B 129 40.67 -37.85 16.54
C TRP B 129 42.13 -37.93 16.10
N GLU B 136 43.19 -39.88 14.00
CA GLU B 136 43.52 -40.86 12.98
C GLU B 136 43.01 -42.24 13.35
N THR B 137 42.16 -42.31 14.37
CA THR B 137 41.59 -43.57 14.84
C THR B 137 40.12 -43.64 14.47
N VAL B 138 39.71 -44.79 13.93
CA VAL B 138 38.34 -45.01 13.50
C VAL B 138 37.68 -45.97 14.50
N GLY B 139 36.37 -46.10 14.39
CA GLY B 139 35.57 -46.73 15.41
C GLY B 139 34.87 -45.74 16.30
N VAL B 140 34.58 -44.54 15.81
CA VAL B 140 34.05 -43.44 16.60
C VAL B 140 32.66 -43.10 16.07
N SER B 141 31.72 -42.88 16.99
CA SER B 141 30.37 -42.46 16.64
C SER B 141 30.24 -40.96 16.86
N SER B 142 29.80 -40.25 15.83
CA SER B 142 29.57 -38.82 15.89
C SER B 142 28.09 -38.54 15.75
N THR B 143 27.59 -37.57 16.52
CA THR B 143 26.20 -37.21 16.43
C THR B 143 25.97 -36.24 15.27
N GLN B 144 24.70 -36.05 14.92
CA GLN B 144 24.34 -35.04 13.94
C GLN B 144 24.73 -33.66 14.45
N LEU B 145 24.89 -32.74 13.51
CA LEU B 145 25.19 -31.36 13.89
C LEU B 145 24.00 -30.79 14.65
N ILE B 146 24.19 -30.50 15.93
CA ILE B 146 23.12 -30.04 16.81
C ILE B 146 22.96 -28.54 16.67
N ARG B 147 21.75 -28.09 16.37
CA ARG B 147 21.46 -26.68 16.14
C ARG B 147 20.86 -26.10 17.41
N ASN B 148 21.70 -25.50 18.24
CA ASN B 148 21.20 -24.65 19.31
C ASN B 148 20.56 -23.41 18.69
N GLY B 149 19.32 -23.12 19.08
CA GLY B 149 18.59 -22.01 18.48
C GLY B 149 19.03 -20.64 18.97
N ASP B 150 20.30 -20.53 19.39
CA ASP B 150 20.89 -19.25 19.72
C ASP B 150 21.95 -18.84 18.70
N TRP B 151 21.85 -19.36 17.47
CA TRP B 151 22.81 -19.12 16.39
C TRP B 151 24.18 -19.71 16.71
N THR B 152 24.21 -20.80 17.48
CA THR B 152 25.42 -21.58 17.70
C THR B 152 25.11 -23.06 17.49
N PHE B 153 26.13 -23.82 17.14
CA PHE B 153 26.02 -25.26 16.91
C PHE B 153 26.86 -26.01 17.93
N GLN B 154 26.71 -27.34 17.92
CA GLN B 154 27.58 -28.19 18.73
C GLN B 154 27.57 -29.60 18.14
N VAL B 155 28.73 -30.25 18.21
CA VAL B 155 28.91 -31.60 17.70
C VAL B 155 29.58 -32.44 18.79
N LEU B 156 29.05 -33.64 19.00
CA LEU B 156 29.56 -34.57 20.01
C LEU B 156 30.16 -35.78 19.31
N VAL B 157 31.48 -35.91 19.41
CA VAL B 157 32.22 -37.03 18.84
C VAL B 157 32.68 -37.92 19.98
N MET B 158 32.30 -39.19 19.94
CA MET B 158 32.42 -40.09 21.08
C MET B 158 33.07 -41.40 20.65
N LEU B 159 34.19 -41.73 21.28
CA LEU B 159 34.97 -42.93 20.97
C LEU B 159 35.09 -43.81 22.21
N GLU B 160 34.88 -45.11 22.02
CA GLU B 160 35.05 -46.07 23.11
C GLU B 160 36.53 -46.18 23.47
N MET B 161 36.84 -45.99 24.76
CA MET B 161 38.20 -45.93 25.23
C MET B 161 38.50 -47.09 26.18
N THR B 162 39.69 -47.65 26.06
CA THR B 162 40.21 -48.66 26.96
C THR B 162 41.26 -48.07 27.88
N PRO B 163 41.66 -48.79 28.93
CA PRO B 163 42.53 -48.20 29.95
C PRO B 163 44.01 -48.29 29.61
N HIS B 164 44.71 -47.19 29.85
CA HIS B 164 46.17 -47.11 29.73
C HIS B 164 46.64 -47.44 28.31
N GLN B 165 45.87 -46.97 27.32
CA GLN B 165 46.25 -47.15 25.92
C GLN B 165 47.11 -45.98 25.43
N GLY B 166 48.15 -45.67 26.19
CA GLY B 166 48.97 -44.51 25.90
C GLY B 166 48.19 -43.22 26.13
N GLU B 167 48.78 -42.13 25.64
CA GLU B 167 48.14 -40.82 25.68
C GLU B 167 47.58 -40.52 24.30
N VAL B 168 46.26 -40.35 24.22
CA VAL B 168 45.61 -40.07 22.95
C VAL B 168 46.24 -38.82 22.34
N TYR B 169 46.48 -38.87 21.03
CA TYR B 169 47.16 -37.80 20.33
C TYR B 169 46.39 -36.48 20.48
N THR B 170 45.25 -36.37 19.83
CA THR B 170 44.48 -35.13 19.84
C THR B 170 43.00 -35.44 19.64
N CYS B 171 42.17 -34.43 19.86
CA CYS B 171 40.84 -34.34 19.27
C CYS B 171 40.89 -33.15 18.32
N HIS B 172 41.26 -33.42 17.08
CA HIS B 172 41.46 -32.36 16.10
C HIS B 172 40.12 -31.75 15.69
N VAL B 173 40.12 -30.42 15.52
CA VAL B 173 38.92 -29.67 15.16
C VAL B 173 39.28 -28.67 14.07
N GLU B 174 38.50 -28.66 12.99
CA GLU B 174 38.74 -27.81 11.84
C GLU B 174 37.50 -26.99 11.55
N HIS B 175 37.65 -25.66 11.48
CA HIS B 175 36.51 -24.76 11.36
C HIS B 175 36.92 -23.54 10.56
N PRO B 176 35.97 -22.91 9.85
CA PRO B 176 36.31 -21.67 9.12
C PRO B 176 36.74 -20.53 10.03
N SER B 177 36.19 -20.45 11.24
CA SER B 177 36.54 -19.36 12.14
C SER B 177 37.98 -19.47 12.62
N LEU B 178 38.53 -20.68 12.64
CA LEU B 178 39.87 -20.92 13.17
C LEU B 178 40.89 -20.92 12.04
N LYS B 179 41.96 -20.14 12.20
CA LYS B 179 43.06 -20.16 11.25
C LYS B 179 43.95 -21.39 11.47
N SER B 180 44.00 -21.90 12.69
CA SER B 180 44.73 -23.11 13.02
C SER B 180 43.87 -23.98 13.91
N PRO B 181 43.92 -25.31 13.72
CA PRO B 181 43.08 -26.20 14.53
C PRO B 181 43.43 -26.13 16.01
N ILE B 182 42.47 -26.51 16.84
CA ILE B 182 42.66 -26.45 18.29
C ILE B 182 43.53 -27.59 18.77
N THR B 183 43.26 -28.82 18.28
CA THR B 183 44.05 -30.01 18.59
C THR B 183 44.32 -30.17 20.08
N VAL B 184 43.23 -30.20 20.86
CA VAL B 184 43.36 -30.38 22.30
C VAL B 184 43.81 -31.81 22.59
N GLU B 185 44.84 -31.94 23.42
CA GLU B 185 45.32 -33.26 23.80
C GLU B 185 44.49 -33.83 24.94
N TRP B 186 44.47 -35.16 25.02
CA TRP B 186 43.69 -35.87 26.03
C TRP B 186 44.17 -35.54 27.44
N GLU C 1 10.54 8.90 4.14
CA GLU C 1 10.89 9.37 2.80
C GLU C 1 9.79 10.24 2.22
N GLN C 2 10.10 10.89 1.10
CA GLN C 2 9.12 11.69 0.39
C GLN C 2 9.58 11.83 -1.06
N VAL C 3 8.63 12.17 -1.92
CA VAL C 3 8.88 12.40 -3.33
C VAL C 3 8.67 13.88 -3.62
N GLU C 4 9.50 14.40 -4.52
CA GLU C 4 9.30 15.71 -5.12
C GLU C 4 8.98 15.53 -6.59
N GLN C 5 7.95 16.22 -7.05
CA GLN C 5 7.50 16.13 -8.42
C GLN C 5 7.61 17.53 -9.00
N LEU C 6 8.75 17.82 -9.63
CA LEU C 6 9.17 19.20 -9.77
C LEU C 6 8.36 20.04 -10.76
N PRO C 7 8.04 19.54 -11.98
CA PRO C 7 7.34 20.42 -12.93
C PRO C 7 5.90 20.72 -12.55
N SER C 8 5.71 21.46 -11.45
CA SER C 8 4.38 21.75 -10.89
C SER C 8 3.32 21.98 -11.96
N ILE C 9 3.60 22.86 -12.91
CA ILE C 9 2.71 23.14 -14.03
C ILE C 9 3.50 23.02 -15.32
N LEU C 10 2.97 22.25 -16.27
CA LEU C 10 3.64 22.03 -17.55
C LEU C 10 2.68 22.42 -18.67
N ARG C 11 3.01 23.47 -19.40
CA ARG C 11 2.23 23.94 -20.54
C ARG C 11 2.97 23.59 -21.81
N VAL C 12 2.32 22.80 -22.67
CA VAL C 12 2.95 22.26 -23.87
C VAL C 12 2.01 22.48 -25.05
N GLN C 13 2.58 22.85 -26.20
CA GLN C 13 1.82 22.89 -27.45
C GLN C 13 1.66 21.47 -27.99
N GLU C 14 0.49 21.19 -28.54
CA GLU C 14 0.16 19.82 -28.92
C GLU C 14 1.10 19.32 -30.02
N GLY C 15 1.37 18.01 -29.99
CA GLY C 15 2.32 17.39 -30.89
C GLY C 15 3.74 17.37 -30.39
N SER C 16 4.06 18.12 -29.34
CA SER C 16 5.39 18.19 -28.78
C SER C 16 5.51 17.31 -27.54
N SER C 17 6.75 17.01 -27.17
CA SER C 17 7.02 16.09 -26.07
C SER C 17 6.89 16.80 -24.72
N ALA C 18 6.69 15.99 -23.67
CA ALA C 18 6.58 16.49 -22.31
C ALA C 18 7.07 15.41 -21.36
N SER C 19 7.70 15.82 -20.26
CA SER C 19 8.24 14.86 -19.31
C SER C 19 8.17 15.42 -17.89
N ILE C 20 7.86 14.54 -16.94
CA ILE C 20 7.83 14.86 -15.52
C ILE C 20 8.96 14.11 -14.84
N ASN C 21 9.73 14.81 -14.01
CA ASN C 21 10.87 14.22 -13.31
C ASN C 21 10.63 14.25 -11.81
N CYS C 22 10.84 13.11 -11.15
CA CYS C 22 10.66 12.99 -9.71
C CYS C 22 11.90 12.38 -9.06
N THR C 23 12.02 12.62 -7.77
CA THR C 23 13.09 12.07 -6.95
C THR C 23 12.50 11.49 -5.67
N TYR C 24 13.21 10.52 -5.10
CA TYR C 24 12.79 9.89 -3.85
C TYR C 24 13.98 9.80 -2.90
N GLU C 25 13.66 9.75 -1.61
CA GLU C 25 14.67 9.78 -0.55
C GLU C 25 15.13 8.38 -0.15
N ASN C 26 14.18 7.46 0.08
CA ASN C 26 14.50 6.13 0.57
C ASN C 26 15.08 5.29 -0.56
N SER C 27 16.34 4.88 -0.42
CA SER C 27 16.99 4.06 -1.45
C SER C 27 16.47 2.64 -1.49
N ALA C 28 15.67 2.22 -0.50
CA ALA C 28 15.04 0.91 -0.52
C ALA C 28 13.75 0.89 -1.31
N SER C 29 13.41 1.98 -1.99
CA SER C 29 12.17 2.04 -2.76
C SER C 29 12.23 1.08 -3.94
N ASN C 30 11.14 0.35 -4.15
CA ASN C 30 11.09 -0.68 -5.18
C ASN C 30 9.87 -0.60 -6.09
N TYR C 31 8.97 0.34 -5.86
CA TYR C 31 7.74 0.46 -6.65
C TYR C 31 7.47 1.94 -6.89
N PHE C 32 7.33 2.31 -8.16
CA PHE C 32 7.18 3.71 -8.55
C PHE C 32 5.97 3.86 -9.47
N PRO C 33 4.78 4.05 -8.91
CA PRO C 33 3.58 4.18 -9.73
C PRO C 33 3.33 5.62 -10.18
N TRP C 34 2.66 5.73 -11.31
CA TRP C 34 2.27 7.02 -11.88
C TRP C 34 0.76 7.05 -12.06
N TYR C 35 0.10 8.04 -11.46
CA TYR C 35 -1.34 8.18 -11.51
C TYR C 35 -1.74 9.42 -12.31
N LYS C 36 -2.78 9.29 -13.12
CA LYS C 36 -3.30 10.38 -13.93
C LYS C 36 -4.74 10.67 -13.53
N GLN C 37 -5.03 11.94 -13.26
CA GLN C 37 -6.34 12.36 -12.78
C GLN C 37 -6.91 13.40 -13.73
N GLU C 38 -7.97 13.03 -14.45
CA GLU C 38 -8.61 13.97 -15.34
C GLU C 38 -9.58 14.85 -14.57
N PRO C 39 -9.86 16.06 -15.08
CA PRO C 39 -10.68 17.02 -14.33
C PRO C 39 -12.04 16.44 -13.93
N GLY C 40 -12.34 16.53 -12.63
CA GLY C 40 -13.59 16.03 -12.09
C GLY C 40 -13.63 14.55 -11.81
N GLU C 41 -12.51 13.84 -12.00
CA GLU C 41 -12.46 12.39 -11.83
C GLU C 41 -11.45 12.03 -10.75
N ASN C 42 -11.33 10.74 -10.51
CA ASN C 42 -10.38 10.21 -9.55
C ASN C 42 -9.04 9.91 -10.22
N PRO C 43 -7.98 9.76 -9.43
CA PRO C 43 -6.71 9.30 -10.01
C PRO C 43 -6.81 7.85 -10.45
N LYS C 44 -6.26 7.57 -11.63
CA LYS C 44 -6.18 6.21 -12.15
C LYS C 44 -4.73 5.90 -12.48
N LEU C 45 -4.32 4.66 -12.23
CA LEU C 45 -2.97 4.25 -12.57
C LEU C 45 -2.81 4.15 -14.08
N ILE C 46 -1.68 4.63 -14.59
CA ILE C 46 -1.41 4.61 -16.03
C ILE C 46 -0.15 3.86 -16.39
N ILE C 47 0.80 3.69 -15.46
CA ILE C 47 2.06 3.01 -15.70
C ILE C 47 2.84 2.99 -14.39
N ASP C 48 3.69 1.99 -14.20
CA ASP C 48 4.59 1.95 -13.06
C ASP C 48 5.88 1.25 -13.48
N ILE C 49 6.90 1.39 -12.63
CA ILE C 49 8.17 0.72 -12.82
C ILE C 49 8.66 0.26 -11.46
N ARG C 50 9.35 -0.88 -11.44
CA ARG C 50 9.85 -1.47 -10.21
C ARG C 50 11.37 -1.46 -10.24
N SER C 51 11.97 -1.61 -9.05
CA SER C 51 13.41 -1.39 -8.88
C SER C 51 14.27 -2.36 -9.67
N ASN C 52 13.69 -3.39 -10.29
CA ASN C 52 14.46 -4.32 -11.12
C ASN C 52 14.38 -3.97 -12.60
N MET C 53 14.02 -2.72 -12.92
CA MET C 53 14.01 -2.24 -14.29
C MET C 53 14.56 -0.82 -14.33
N GLU C 54 15.08 -0.45 -15.50
CA GLU C 54 15.51 0.92 -15.76
C GLU C 54 14.52 1.67 -16.64
N ARG C 55 14.07 1.05 -17.73
CA ARG C 55 13.16 1.67 -18.67
C ARG C 55 11.95 0.76 -18.89
N LYS C 56 10.81 1.38 -19.17
CA LYS C 56 9.59 0.65 -19.46
C LYS C 56 8.71 1.52 -20.34
N GLN C 57 8.36 1.01 -21.53
CA GLN C 57 7.53 1.72 -22.50
C GLN C 57 6.32 0.87 -22.81
N THR C 58 5.15 1.29 -22.32
CA THR C 58 3.90 0.60 -22.60
C THR C 58 2.78 1.62 -22.75
N GLN C 59 1.86 1.32 -23.67
CA GLN C 59 0.63 2.10 -23.84
C GLN C 59 0.93 3.57 -24.13
N GLY C 60 1.98 3.81 -24.91
CA GLY C 60 2.35 5.17 -25.29
C GLY C 60 3.01 5.98 -24.21
N LEU C 61 3.34 5.38 -23.07
CA LEU C 61 4.05 6.06 -21.99
C LEU C 61 5.43 5.44 -21.82
N ILE C 62 6.36 6.24 -21.31
CA ILE C 62 7.70 5.79 -21.01
C ILE C 62 8.07 6.27 -19.61
N VAL C 63 8.50 5.35 -18.75
CA VAL C 63 9.01 5.70 -17.43
C VAL C 63 10.42 5.17 -17.30
N LEU C 64 11.30 5.99 -16.73
CA LEU C 64 12.68 5.63 -16.49
C LEU C 64 12.93 5.61 -14.99
N LEU C 65 13.99 4.92 -14.59
CA LEU C 65 14.35 4.79 -13.17
C LEU C 65 15.86 4.78 -13.05
N ASP C 66 16.42 5.82 -12.44
CA ASP C 66 17.84 5.87 -12.10
C ASP C 66 17.94 5.62 -10.60
N LYS C 67 18.22 4.36 -10.24
CA LYS C 67 18.33 4.01 -8.82
C LYS C 67 19.55 4.64 -8.17
N LYS C 68 20.61 4.89 -8.94
CA LYS C 68 21.80 5.50 -8.38
C LYS C 68 21.53 6.96 -8.00
N ALA C 69 20.89 7.72 -8.88
CA ALA C 69 20.55 9.11 -8.61
C ALA C 69 19.25 9.27 -7.82
N LYS C 70 18.56 8.17 -7.50
CA LYS C 70 17.32 8.21 -6.73
C LYS C 70 16.31 9.15 -7.36
N ARG C 71 16.30 9.17 -8.68
CA ARG C 71 15.40 9.98 -9.50
C ARG C 71 14.71 9.13 -10.56
N PHE C 72 13.45 9.42 -10.84
CA PHE C 72 12.68 8.66 -11.81
C PHE C 72 11.67 9.60 -12.48
N SER C 73 11.33 9.27 -13.73
CA SER C 73 10.65 10.21 -14.62
C SER C 73 9.65 9.47 -15.49
N LEU C 74 8.69 10.24 -16.02
CA LEU C 74 7.69 9.82 -16.98
C LEU C 74 7.76 10.72 -18.21
N HIS C 75 7.66 10.10 -19.38
CA HIS C 75 7.80 10.81 -20.66
C HIS C 75 6.58 10.57 -21.54
N ILE C 76 5.99 11.66 -22.03
CA ILE C 76 4.82 11.62 -22.89
C ILE C 76 5.23 12.20 -24.23
N THR C 77 5.53 11.34 -25.20
CA THR C 77 5.94 11.79 -26.52
C THR C 77 4.72 12.13 -27.35
N ASP C 78 4.82 13.23 -28.11
CA ASP C 78 3.79 13.64 -29.08
C ASP C 78 2.43 13.80 -28.37
N THR C 79 2.36 14.83 -27.55
CA THR C 79 1.18 15.02 -26.71
C THR C 79 -0.05 15.36 -27.56
N GLN C 80 -1.21 15.08 -26.98
CA GLN C 80 -2.51 15.39 -27.57
C GLN C 80 -3.37 16.02 -26.49
N PRO C 81 -4.40 16.78 -26.87
CA PRO C 81 -5.26 17.42 -25.86
C PRO C 81 -5.76 16.49 -24.77
N GLY C 82 -6.01 15.22 -25.09
CA GLY C 82 -6.44 14.26 -24.08
C GLY C 82 -5.44 13.98 -22.98
N ASP C 83 -4.22 14.51 -23.09
CA ASP C 83 -3.19 14.29 -22.08
C ASP C 83 -3.29 15.26 -20.91
N SER C 84 -3.96 16.39 -21.08
CA SER C 84 -4.03 17.38 -20.02
C SER C 84 -4.80 16.81 -18.84
N ALA C 85 -4.12 16.69 -17.70
CA ALA C 85 -4.68 16.14 -16.47
C ALA C 85 -3.66 16.35 -15.37
N MET C 86 -4.05 16.02 -14.14
CA MET C 86 -3.12 16.00 -13.02
C MET C 86 -2.41 14.65 -12.99
N TYR C 87 -1.09 14.68 -13.00
CA TYR C 87 -0.25 13.48 -12.96
C TYR C 87 0.49 13.43 -11.64
N PHE C 88 0.50 12.26 -11.00
CA PHE C 88 1.06 12.13 -9.67
C PHE C 88 2.20 11.12 -9.66
N CYS C 89 3.24 11.44 -8.90
CA CYS C 89 4.35 10.55 -8.63
C CYS C 89 4.10 9.76 -7.36
N ALA C 90 4.79 8.64 -7.23
CA ALA C 90 4.76 7.90 -5.98
C ALA C 90 5.94 6.94 -5.94
N ALA C 91 6.33 6.60 -4.72
CA ALA C 91 7.37 5.62 -4.45
C ALA C 91 6.94 4.75 -3.28
N SER C 92 7.35 3.49 -3.30
CA SER C 92 7.02 2.55 -2.25
C SER C 92 8.27 1.80 -1.81
N ASP C 93 8.37 1.55 -0.51
CA ASP C 93 9.42 0.74 0.07
C ASP C 93 8.78 -0.38 0.88
N ASP C 94 9.51 -1.49 1.05
CA ASP C 94 8.93 -2.65 1.71
C ASP C 94 8.62 -2.40 3.17
N ASN C 95 9.19 -1.35 3.78
CA ASN C 95 8.99 -1.08 5.20
C ASN C 95 7.94 -0.01 5.46
N ASN C 96 7.09 0.29 4.47
CA ASN C 96 5.99 1.22 4.64
C ASN C 96 4.76 0.66 3.93
N ASN C 97 3.67 0.53 4.68
CA ASN C 97 2.41 0.04 4.12
C ASN C 97 1.63 1.15 3.42
N ARG C 98 2.31 2.15 2.90
CA ARG C 98 1.71 3.25 2.15
C ARG C 98 2.74 3.74 1.14
N ILE C 99 2.28 4.52 0.18
CA ILE C 99 3.17 5.12 -0.81
C ILE C 99 3.25 6.62 -0.55
N PHE C 100 4.32 7.23 -1.04
CA PHE C 100 4.60 8.64 -0.83
C PHE C 100 4.43 9.36 -2.16
N PHE C 101 3.42 10.22 -2.24
CA PHE C 101 3.07 10.88 -3.48
C PHE C 101 3.90 12.15 -3.70
N GLY C 102 4.05 12.52 -4.96
CA GLY C 102 4.45 13.87 -5.28
C GLY C 102 3.28 14.82 -5.16
N ASP C 103 3.57 16.12 -5.27
CA ASP C 103 2.51 17.10 -5.20
C ASP C 103 1.74 17.23 -6.51
N GLY C 104 2.16 16.53 -7.55
CA GLY C 104 1.45 16.51 -8.81
C GLY C 104 2.01 17.52 -9.80
N THR C 105 1.77 17.24 -11.08
CA THR C 105 2.02 18.20 -12.15
C THR C 105 0.76 18.31 -12.99
N GLN C 106 0.25 19.53 -13.13
CA GLN C 106 -0.87 19.76 -14.04
C GLN C 106 -0.33 19.88 -15.46
N LEU C 107 -0.50 18.82 -16.24
CA LEU C 107 -0.14 18.88 -17.65
C LEU C 107 -1.22 19.62 -18.41
N VAL C 108 -0.80 20.57 -19.25
CA VAL C 108 -1.71 21.37 -20.06
C VAL C 108 -1.21 21.31 -21.49
N VAL C 109 -1.99 20.69 -22.37
CA VAL C 109 -1.65 20.58 -23.78
C VAL C 109 -2.48 21.61 -24.53
N LYS C 110 -1.83 22.61 -25.08
CA LYS C 110 -2.52 23.69 -25.77
C LYS C 110 -2.82 23.26 -27.22
N PRO C 111 -4.06 23.38 -27.67
CA PRO C 111 -4.41 22.91 -29.02
C PRO C 111 -3.86 23.85 -30.09
N ASN C 112 -3.59 23.28 -31.25
CA ASN C 112 -3.12 24.05 -32.40
C ASN C 112 -4.32 24.73 -33.07
N ILE C 113 -4.28 26.05 -33.14
CA ILE C 113 -5.31 26.83 -33.83
C ILE C 113 -4.82 27.05 -35.26
N GLN C 114 -5.43 26.37 -36.22
CA GLN C 114 -4.92 26.38 -37.59
C GLN C 114 -5.15 27.74 -38.25
N ASN C 115 -6.36 28.28 -38.14
CA ASN C 115 -6.72 29.57 -38.73
C ASN C 115 -7.44 30.41 -37.69
N PRO C 116 -6.70 31.06 -36.79
CA PRO C 116 -7.34 31.88 -35.77
C PRO C 116 -8.00 33.12 -36.37
N ASP C 117 -9.01 33.61 -35.65
CA ASP C 117 -9.78 34.77 -36.08
C ASP C 117 -10.36 35.47 -34.86
N PRO C 118 -9.53 36.11 -34.04
CA PRO C 118 -10.03 36.65 -32.77
C PRO C 118 -10.99 37.82 -32.98
N ALA C 119 -12.03 37.85 -32.16
CA ALA C 119 -13.02 38.91 -32.19
C ALA C 119 -13.84 38.85 -30.91
N VAL C 120 -14.55 39.94 -30.62
CA VAL C 120 -15.41 40.04 -29.45
C VAL C 120 -16.85 40.24 -29.92
N TYR C 121 -17.76 39.43 -29.39
CA TYR C 121 -19.17 39.51 -29.72
C TYR C 121 -19.97 39.70 -28.43
N GLN C 122 -21.23 40.11 -28.60
CA GLN C 122 -22.13 40.35 -27.47
C GLN C 122 -23.41 39.56 -27.70
N LEU C 123 -23.76 38.69 -26.75
CA LEU C 123 -24.90 37.81 -26.92
C LEU C 123 -26.19 38.55 -26.56
N ARG C 124 -27.31 37.86 -26.73
CA ARG C 124 -28.62 38.43 -26.43
C ARG C 124 -28.92 38.33 -24.94
N ASP C 125 -29.62 39.34 -24.43
CA ASP C 125 -29.93 39.39 -23.00
C ASP C 125 -30.80 38.22 -22.59
N SER C 126 -31.83 37.90 -23.39
CA SER C 126 -32.73 36.78 -23.14
C SER C 126 -33.42 36.94 -21.78
N LYS C 127 -33.96 38.14 -21.54
CA LYS C 127 -34.65 38.48 -20.30
C LYS C 127 -33.80 38.17 -19.07
N ASP C 130 -30.84 39.35 -17.51
CA ASP C 130 -30.81 40.49 -16.60
C ASP C 130 -29.44 41.17 -16.63
N LYS C 131 -28.46 40.49 -17.22
CA LYS C 131 -27.11 40.99 -17.34
C LYS C 131 -26.71 41.07 -18.81
N SER C 132 -25.60 41.76 -19.06
CA SER C 132 -25.03 41.88 -20.39
C SER C 132 -23.77 41.00 -20.45
N VAL C 133 -23.77 40.03 -21.36
CA VAL C 133 -22.70 39.06 -21.47
C VAL C 133 -22.03 39.19 -22.84
N CYS C 134 -20.70 39.13 -22.84
CA CYS C 134 -19.93 39.27 -24.07
C CYS C 134 -18.94 38.12 -24.19
N LEU C 135 -18.40 37.96 -25.40
CA LEU C 135 -17.70 36.75 -25.77
C LEU C 135 -16.46 37.09 -26.59
N PHE C 136 -15.33 36.50 -26.21
CA PHE C 136 -14.06 36.67 -26.90
C PHE C 136 -13.60 35.28 -27.32
N THR C 137 -13.65 34.99 -28.63
CA THR C 137 -13.42 33.65 -29.14
C THR C 137 -12.44 33.66 -30.29
N ASP C 138 -12.10 32.45 -30.74
CA ASP C 138 -11.23 32.22 -31.89
C ASP C 138 -9.89 32.92 -31.74
N PHE C 139 -9.45 33.12 -30.49
CA PHE C 139 -8.14 33.70 -30.26
C PHE C 139 -7.08 32.60 -30.18
N ASP C 140 -5.87 32.94 -30.59
CA ASP C 140 -4.80 31.95 -30.64
C ASP C 140 -4.42 31.52 -29.22
N SER C 141 -3.77 30.35 -29.13
CA SER C 141 -3.46 29.76 -27.84
C SER C 141 -2.62 30.71 -26.99
N GLN C 142 -1.65 31.38 -27.60
CA GLN C 142 -0.76 32.26 -26.85
C GLN C 142 -1.53 33.36 -26.12
N THR C 143 -2.55 33.92 -26.78
CA THR C 143 -3.34 35.01 -26.19
C THR C 143 -3.88 34.61 -24.83
N ASN C 144 -3.57 35.41 -23.81
CA ASN C 144 -4.00 35.16 -22.44
C ASN C 144 -4.99 36.24 -22.04
N VAL C 145 -6.19 35.82 -21.62
CA VAL C 145 -7.22 36.76 -21.21
C VAL C 145 -6.82 37.36 -19.87
N SER C 146 -6.61 38.68 -19.86
CA SER C 146 -6.27 39.36 -18.61
C SER C 146 -7.49 39.45 -17.71
N GLN C 147 -7.24 39.40 -16.40
CA GLN C 147 -8.31 39.45 -15.42
C GLN C 147 -8.85 40.87 -15.31
N SER C 148 -10.10 40.98 -14.87
CA SER C 148 -10.79 42.26 -14.79
C SER C 148 -10.40 42.97 -13.49
N LYS C 149 -9.64 44.05 -13.61
CA LYS C 149 -9.33 44.87 -12.45
C LYS C 149 -10.50 45.73 -12.01
N ASP C 150 -11.49 45.93 -12.89
CA ASP C 150 -12.67 46.71 -12.55
C ASP C 150 -13.64 45.85 -11.75
N SER C 151 -14.07 46.35 -10.60
CA SER C 151 -15.08 45.65 -9.80
C SER C 151 -16.44 45.72 -10.49
N ASP C 152 -17.31 44.78 -10.12
CA ASP C 152 -18.61 44.57 -10.74
C ASP C 152 -18.52 44.16 -12.20
N VAL C 153 -17.33 43.82 -12.68
CA VAL C 153 -17.13 43.26 -14.02
C VAL C 153 -16.47 41.91 -13.85
N TYR C 154 -17.12 40.87 -14.36
CA TYR C 154 -16.65 39.49 -14.19
C TYR C 154 -16.12 38.95 -15.51
N ILE C 155 -14.92 38.40 -15.48
CA ILE C 155 -14.28 37.81 -16.65
C ILE C 155 -13.81 36.41 -16.28
N THR C 156 -14.23 35.42 -17.08
CA THR C 156 -13.81 34.04 -16.86
C THR C 156 -12.57 33.73 -17.69
N ASP C 157 -11.79 32.76 -17.21
CA ASP C 157 -10.54 32.42 -17.86
C ASP C 157 -10.79 31.72 -19.20
N LYS C 158 -9.70 31.46 -19.92
CA LYS C 158 -9.80 30.85 -21.23
C LYS C 158 -10.40 29.44 -21.14
N CYS C 159 -10.98 29.00 -22.26
CA CYS C 159 -11.67 27.73 -22.33
C CYS C 159 -11.63 27.24 -23.77
N VAL C 160 -11.37 25.95 -23.96
CA VAL C 160 -11.19 25.35 -25.28
C VAL C 160 -12.24 24.25 -25.47
N LEU C 161 -12.98 24.33 -26.57
CA LEU C 161 -14.04 23.38 -26.88
C LEU C 161 -13.81 22.76 -28.26
N ASP C 162 -14.03 21.46 -28.36
CA ASP C 162 -13.86 20.72 -29.61
C ASP C 162 -15.22 20.45 -30.23
N MET C 163 -15.33 20.67 -31.54
CA MET C 163 -16.59 20.48 -32.26
C MET C 163 -16.53 19.27 -33.18
N LYS C 169 -12.05 22.98 -32.52
CA LYS C 169 -11.23 23.49 -31.43
C LYS C 169 -11.12 25.02 -31.50
N SER C 170 -11.76 25.70 -30.55
CA SER C 170 -11.76 27.16 -30.52
C SER C 170 -11.71 27.65 -29.08
N ASN C 171 -10.79 28.56 -28.80
CA ASN C 171 -10.71 29.17 -27.49
C ASN C 171 -11.86 30.15 -27.28
N SER C 172 -12.19 30.41 -26.01
CA SER C 172 -13.29 31.29 -25.67
C SER C 172 -13.05 31.90 -24.30
N ALA C 173 -13.62 33.09 -24.10
CA ALA C 173 -13.56 33.78 -22.82
C ALA C 173 -14.81 34.64 -22.67
N VAL C 174 -15.46 34.54 -21.52
CA VAL C 174 -16.73 35.22 -21.26
C VAL C 174 -16.49 36.33 -20.25
N ALA C 175 -16.97 37.53 -20.58
CA ALA C 175 -16.92 38.68 -19.68
C ALA C 175 -18.30 39.29 -19.60
N TRP C 176 -18.85 39.35 -18.39
CA TRP C 176 -20.17 39.93 -18.17
C TRP C 176 -20.12 40.91 -17.01
N SER C 177 -21.06 41.85 -17.00
CA SER C 177 -21.12 42.87 -15.98
C SER C 177 -22.55 43.35 -15.81
N ASN C 178 -22.87 43.82 -14.61
CA ASN C 178 -24.17 44.41 -14.31
C ASN C 178 -24.19 45.91 -14.49
N LYS C 179 -23.01 46.55 -14.53
CA LYS C 179 -22.95 48.00 -14.62
C LYS C 179 -23.54 48.50 -15.93
N SER C 180 -24.25 49.63 -15.86
CA SER C 180 -24.88 50.19 -17.05
C SER C 180 -23.83 50.71 -18.03
N ASP C 181 -22.79 51.38 -17.53
CA ASP C 181 -21.72 51.90 -18.36
C ASP C 181 -20.70 50.79 -18.62
N PHE C 182 -21.10 49.85 -19.48
CA PHE C 182 -20.29 48.68 -19.78
C PHE C 182 -20.30 48.45 -21.29
N ALA C 183 -19.12 48.57 -21.90
CA ALA C 183 -18.95 48.34 -23.33
C ALA C 183 -17.97 47.21 -23.55
N CYS C 184 -18.20 46.43 -24.61
CA CYS C 184 -17.42 45.22 -24.85
C CYS C 184 -16.42 45.37 -25.98
N ALA C 185 -16.27 46.57 -26.55
CA ALA C 185 -15.20 46.78 -27.52
C ALA C 185 -13.84 46.52 -26.90
N ASN C 186 -13.65 46.97 -25.66
CA ASN C 186 -12.42 46.73 -24.92
C ASN C 186 -12.71 46.25 -23.50
N ALA C 187 -13.80 45.50 -23.33
CA ALA C 187 -14.07 44.89 -22.02
C ALA C 187 -12.96 43.92 -21.64
N PHE C 188 -12.41 43.21 -22.64
CA PHE C 188 -11.24 42.35 -22.43
C PHE C 188 -10.01 43.21 -22.58
N ASN C 189 -9.46 43.67 -21.46
CA ASN C 189 -8.30 44.56 -21.46
C ASN C 189 -7.02 43.72 -21.55
N ASN C 190 -6.77 43.20 -22.75
CA ASN C 190 -5.60 42.38 -22.99
C ASN C 190 -4.73 42.97 -24.10
N ALA D 1 -16.01 -2.14 -7.76
CA ALA D 1 -14.70 -1.81 -7.19
C ALA D 1 -14.85 -1.05 -5.89
N VAL D 2 -14.53 0.24 -5.91
CA VAL D 2 -14.54 1.09 -4.72
C VAL D 2 -15.70 2.06 -4.83
N THR D 3 -16.55 2.08 -3.80
CA THR D 3 -17.78 2.86 -3.81
C THR D 3 -17.84 3.71 -2.55
N GLN D 4 -17.87 5.02 -2.72
CA GLN D 4 -17.93 5.96 -1.62
C GLN D 4 -19.36 6.47 -1.42
N SER D 5 -19.67 6.86 -0.19
CA SER D 5 -20.98 7.41 0.14
C SER D 5 -20.87 8.37 1.33
N PRO D 6 -21.49 9.55 1.19
CA PRO D 6 -22.22 10.00 0.01
C PRO D 6 -21.29 10.59 -1.05
N ARG D 7 -21.83 10.96 -2.22
CA ARG D 7 -21.02 11.56 -3.27
C ARG D 7 -20.85 13.06 -3.08
N ASN D 8 -21.82 13.71 -2.45
CA ASN D 8 -21.74 15.13 -2.13
C ASN D 8 -22.38 15.36 -0.77
N LYS D 9 -21.78 16.24 0.02
CA LYS D 9 -22.26 16.49 1.36
C LYS D 9 -21.98 17.93 1.77
N VAL D 10 -22.99 18.58 2.36
CA VAL D 10 -22.87 19.91 2.92
C VAL D 10 -23.19 19.82 4.40
N ALA D 11 -22.35 20.42 5.23
CA ALA D 11 -22.51 20.38 6.67
C ALA D 11 -22.15 21.73 7.28
N VAL D 12 -22.46 21.89 8.56
CA VAL D 12 -22.14 23.10 9.29
C VAL D 12 -21.08 22.77 10.33
N THR D 13 -20.36 23.81 10.75
CA THR D 13 -19.30 23.64 11.74
C THR D 13 -19.87 23.07 13.04
N GLY D 14 -19.30 21.96 13.50
CA GLY D 14 -19.75 21.30 14.70
C GLY D 14 -20.54 20.03 14.47
N GLY D 15 -20.94 19.75 13.24
CA GLY D 15 -21.68 18.54 12.94
C GLY D 15 -20.79 17.32 12.88
N LYS D 16 -21.42 16.17 12.65
CA LYS D 16 -20.73 14.90 12.47
C LYS D 16 -20.92 14.43 11.04
N VAL D 17 -19.82 14.19 10.34
CA VAL D 17 -19.83 13.73 8.96
C VAL D 17 -19.16 12.37 8.90
N THR D 18 -19.89 11.36 8.43
CA THR D 18 -19.39 10.01 8.31
C THR D 18 -19.30 9.64 6.84
N LEU D 19 -18.07 9.50 6.33
CA LEU D 19 -17.85 9.13 4.94
C LEU D 19 -17.68 7.62 4.85
N SER D 20 -18.55 6.97 4.08
CA SER D 20 -18.56 5.53 3.94
C SER D 20 -17.80 5.12 2.68
N CYS D 21 -17.08 4.01 2.76
CA CYS D 21 -16.38 3.47 1.60
C CYS D 21 -16.51 1.95 1.60
N ASN D 22 -17.03 1.42 0.50
CA ASN D 22 -17.21 -0.02 0.33
C ASN D 22 -16.41 -0.47 -0.88
N GLN D 23 -15.46 -1.37 -0.67
CA GLN D 23 -14.67 -1.96 -1.74
C GLN D 23 -15.03 -3.42 -1.89
N THR D 24 -15.07 -3.89 -3.14
CA THR D 24 -15.39 -5.28 -3.44
C THR D 24 -14.27 -5.94 -4.24
N ASN D 25 -13.03 -5.49 -4.03
CA ASN D 25 -11.86 -5.99 -4.73
C ASN D 25 -11.12 -7.06 -3.96
N ASN D 26 -11.64 -7.48 -2.80
CA ASN D 26 -10.96 -8.43 -1.93
C ASN D 26 -9.57 -7.93 -1.53
N HIS D 27 -9.43 -6.62 -1.39
CA HIS D 27 -8.17 -6.00 -1.02
C HIS D 27 -8.12 -5.80 0.49
N ASN D 28 -6.93 -6.03 1.06
CA ASN D 28 -6.77 -5.89 2.50
C ASN D 28 -6.55 -4.44 2.92
N ASN D 29 -5.99 -3.62 2.03
CA ASN D 29 -5.61 -2.25 2.36
C ASN D 29 -6.62 -1.26 1.81
N MET D 30 -6.99 -0.28 2.63
CA MET D 30 -7.86 0.81 2.22
C MET D 30 -7.30 2.12 2.77
N TYR D 31 -7.52 3.20 2.03
CA TYR D 31 -6.90 4.48 2.32
C TYR D 31 -7.93 5.60 2.18
N TRP D 32 -7.75 6.65 2.97
CA TRP D 32 -8.57 7.85 2.88
C TRP D 32 -7.66 9.04 2.59
N TYR D 33 -7.79 9.60 1.39
CA TYR D 33 -7.07 10.81 0.99
C TYR D 33 -8.04 11.97 0.91
N ARG D 34 -7.48 13.17 1.06
CA ARG D 34 -8.18 14.40 0.69
C ARG D 34 -7.36 15.14 -0.34
N GLN D 35 -8.04 15.85 -1.24
CA GLN D 35 -7.41 16.55 -2.34
C GLN D 35 -7.97 17.97 -2.38
N ASP D 36 -7.16 18.95 -2.00
CA ASP D 36 -7.55 20.34 -2.01
C ASP D 36 -7.05 21.02 -3.29
N THR D 37 -7.71 22.13 -3.65
CA THR D 37 -7.32 22.86 -4.84
C THR D 37 -5.84 23.25 -4.80
N GLY D 38 -5.35 23.64 -3.62
CA GLY D 38 -3.92 23.59 -3.38
C GLY D 38 -3.50 22.15 -3.54
N HIS D 39 -2.95 21.81 -4.70
CA HIS D 39 -3.00 20.44 -5.20
C HIS D 39 -2.12 19.50 -4.40
N GLY D 40 -2.30 18.21 -4.66
CA GLY D 40 -1.66 17.15 -3.91
C GLY D 40 -2.68 16.18 -3.35
N LEU D 41 -2.28 14.95 -3.13
CA LEU D 41 -3.13 13.93 -2.52
C LEU D 41 -2.61 13.65 -1.12
N ARG D 42 -3.20 14.31 -0.13
CA ARG D 42 -2.76 14.20 1.26
C ARG D 42 -3.49 13.07 1.96
N LEU D 43 -2.72 12.16 2.56
CA LEU D 43 -3.27 10.95 3.15
C LEU D 43 -3.75 11.22 4.57
N ILE D 44 -5.00 10.86 4.85
CA ILE D 44 -5.62 11.11 6.15
C ILE D 44 -5.43 9.90 7.06
N HIS D 45 -6.17 8.82 6.79
CA HIS D 45 -6.04 7.56 7.50
C HIS D 45 -5.94 6.43 6.48
N TYR D 46 -5.52 5.26 6.96
CA TYR D 46 -5.47 4.07 6.13
C TYR D 46 -5.53 2.84 7.02
N SER D 47 -5.56 1.68 6.38
CA SER D 47 -5.76 0.42 7.07
C SER D 47 -5.17 -0.72 6.24
N TYR D 48 -4.54 -1.67 6.92
CA TYR D 48 -3.94 -2.83 6.24
C TYR D 48 -4.73 -4.12 6.49
N GLY D 49 -5.96 -4.00 6.98
CA GLY D 49 -6.77 -5.17 7.24
C GLY D 49 -7.94 -4.83 8.12
N ALA D 50 -8.90 -5.76 8.17
CA ALA D 50 -10.08 -5.58 9.00
C ALA D 50 -9.69 -5.42 10.46
N GLY D 51 -10.34 -4.48 11.15
CA GLY D 51 -10.02 -4.19 12.53
C GLY D 51 -8.77 -3.37 12.74
N SER D 52 -8.19 -2.82 11.67
CA SER D 52 -6.98 -2.02 11.76
C SER D 52 -7.25 -0.61 11.25
N THR D 53 -6.71 0.38 11.97
CA THR D 53 -6.75 1.78 11.54
C THR D 53 -5.39 2.39 11.82
N GLU D 54 -4.83 3.09 10.83
CA GLU D 54 -3.51 3.69 10.94
C GLU D 54 -3.60 5.19 10.67
N LYS D 55 -2.86 5.97 11.44
CA LYS D 55 -2.78 7.41 11.22
C LYS D 55 -1.95 7.70 9.98
N GLY D 56 -2.52 8.43 9.03
CA GLY D 56 -1.79 8.82 7.84
C GLY D 56 -0.96 10.05 8.07
N ASP D 57 -0.95 10.97 7.10
CA ASP D 57 -0.14 12.18 7.23
C ASP D 57 -0.85 13.26 8.02
N ILE D 58 -2.15 13.42 7.82
CA ILE D 58 -2.91 14.52 8.44
C ILE D 58 -4.06 13.95 9.26
N PRO D 59 -3.78 13.20 10.34
CA PRO D 59 -4.89 12.51 11.04
C PRO D 59 -5.77 13.44 11.85
N ASP D 60 -5.26 14.59 12.27
CA ASP D 60 -5.98 15.44 13.21
C ASP D 60 -7.31 15.91 12.63
N GLY D 61 -8.35 15.84 13.45
CA GLY D 61 -9.69 16.16 13.04
C GLY D 61 -10.48 15.03 12.44
N TYR D 62 -9.83 13.91 12.11
CA TYR D 62 -10.49 12.77 11.48
C TYR D 62 -10.31 11.51 12.32
N LYS D 63 -11.25 10.59 12.15
CA LYS D 63 -11.19 9.28 12.78
C LYS D 63 -11.69 8.25 11.78
N ALA D 64 -11.04 7.08 11.77
CA ALA D 64 -11.37 6.01 10.84
C ALA D 64 -11.74 4.74 11.60
N SER D 65 -12.57 3.92 10.96
CA SER D 65 -13.02 2.65 11.53
C SER D 65 -13.05 1.61 10.42
N ARG D 66 -12.47 0.44 10.68
CA ARG D 66 -12.41 -0.66 9.73
C ARG D 66 -13.15 -1.86 10.33
N PRO D 67 -14.48 -1.85 10.30
CA PRO D 67 -15.21 -2.99 10.89
C PRO D 67 -15.02 -4.28 10.12
N SER D 68 -14.97 -4.20 8.79
CA SER D 68 -14.78 -5.37 7.94
C SER D 68 -13.77 -5.03 6.86
N GLN D 69 -13.40 -6.05 6.07
CA GLN D 69 -12.48 -5.81 4.97
C GLN D 69 -13.12 -4.96 3.88
N GLU D 70 -14.44 -5.04 3.73
CA GLU D 70 -15.11 -4.35 2.63
C GLU D 70 -15.32 -2.87 2.91
N ASN D 71 -15.42 -2.47 4.18
CA ASN D 71 -15.82 -1.12 4.55
C ASN D 71 -14.74 -0.42 5.35
N PHE D 72 -14.55 0.87 5.06
CA PHE D 72 -13.57 1.71 5.74
C PHE D 72 -14.17 3.10 5.86
N SER D 73 -14.49 3.50 7.09
CA SER D 73 -15.21 4.74 7.35
C SER D 73 -14.25 5.86 7.72
N LEU D 74 -14.68 7.10 7.43
CA LEU D 74 -13.95 8.30 7.81
C LEU D 74 -14.92 9.19 8.58
N ILE D 75 -14.63 9.41 9.86
CA ILE D 75 -15.59 10.03 10.79
C ILE D 75 -15.05 11.38 11.22
N LEU D 76 -15.83 12.43 10.97
CA LEU D 76 -15.50 13.80 11.39
C LEU D 76 -16.36 14.09 12.62
N GLU D 77 -15.77 13.87 13.80
CA GLU D 77 -16.54 14.04 15.04
C GLU D 77 -17.04 15.47 15.19
N LEU D 78 -16.17 16.45 15.00
CA LEU D 78 -16.53 17.86 15.08
C LEU D 78 -16.09 18.54 13.78
N ALA D 79 -17.05 18.78 12.88
CA ALA D 79 -16.74 19.32 11.57
C ALA D 79 -16.19 20.73 11.67
N THR D 80 -15.26 21.05 10.77
CA THR D 80 -14.55 22.31 10.74
C THR D 80 -14.49 22.80 9.29
N PRO D 81 -14.48 24.12 9.08
CA PRO D 81 -14.31 24.62 7.70
C PRO D 81 -13.06 24.09 7.00
N SER D 82 -12.01 23.74 7.75
CA SER D 82 -10.82 23.17 7.14
C SER D 82 -11.12 21.82 6.50
N GLN D 83 -12.14 21.12 6.98
CA GLN D 83 -12.48 19.81 6.43
C GLN D 83 -13.05 19.91 5.01
N THR D 84 -13.47 21.09 4.58
CA THR D 84 -13.99 21.28 3.22
C THR D 84 -12.92 20.92 2.20
N SER D 85 -13.12 19.84 1.49
CA SER D 85 -12.16 19.34 0.50
C SER D 85 -12.86 18.29 -0.35
N VAL D 86 -12.09 17.62 -1.21
CA VAL D 86 -12.56 16.47 -1.97
C VAL D 86 -11.86 15.24 -1.41
N TYR D 87 -12.65 14.29 -0.91
CA TYR D 87 -12.12 13.12 -0.23
C TYR D 87 -12.17 11.91 -1.17
N PHE D 88 -11.06 11.17 -1.23
CA PHE D 88 -10.95 9.98 -2.06
C PHE D 88 -10.65 8.77 -1.19
N CYS D 89 -11.46 7.73 -1.34
CA CYS D 89 -11.17 6.43 -0.75
C CYS D 89 -10.52 5.54 -1.81
N ALA D 90 -9.47 4.83 -1.38
CA ALA D 90 -8.74 3.98 -2.30
C ALA D 90 -8.44 2.64 -1.63
N SER D 91 -8.54 1.56 -2.41
CA SER D 91 -8.17 0.23 -1.95
C SER D 91 -6.95 -0.25 -2.73
N GLY D 92 -6.29 -1.26 -2.18
CA GLY D 92 -5.12 -1.82 -2.82
C GLY D 92 -4.79 -3.21 -2.32
N GLY D 93 -4.40 -4.11 -3.23
CA GLY D 93 -4.02 -5.44 -2.81
C GLY D 93 -2.78 -5.45 -1.95
N GLN D 94 -1.75 -4.71 -2.34
CA GLN D 94 -0.54 -4.54 -1.55
C GLN D 94 -0.11 -3.08 -1.60
N SER D 95 0.69 -2.68 -0.61
CA SER D 95 1.21 -1.32 -0.61
C SER D 95 2.02 -1.03 -1.86
N ASN D 96 2.63 -2.05 -2.46
CA ASN D 96 3.38 -1.91 -3.70
C ASN D 96 2.58 -2.40 -4.91
N GLU D 97 1.26 -2.25 -4.89
CA GLU D 97 0.42 -2.53 -6.04
C GLU D 97 -0.52 -1.35 -6.28
N ARG D 98 -1.09 -1.31 -7.49
CA ARG D 98 -1.98 -0.24 -7.92
C ARG D 98 -3.01 0.11 -6.86
N LEU D 99 -3.30 1.40 -6.73
CA LEU D 99 -4.41 1.87 -5.93
C LEU D 99 -5.65 2.00 -6.80
N PHE D 100 -6.80 1.62 -6.25
CA PHE D 100 -8.08 1.79 -6.91
C PHE D 100 -8.87 2.83 -6.12
N PHE D 101 -9.02 4.02 -6.69
CA PHE D 101 -9.70 5.11 -6.03
C PHE D 101 -11.20 5.05 -6.28
N GLY D 102 -11.96 5.46 -5.27
CA GLY D 102 -13.37 5.75 -5.46
C GLY D 102 -13.52 7.03 -6.26
N HIS D 103 -14.78 7.35 -6.58
CA HIS D 103 -15.04 8.51 -7.42
C HIS D 103 -15.05 9.83 -6.66
N GLY D 104 -14.59 9.84 -5.42
CA GLY D 104 -14.45 11.07 -4.68
C GLY D 104 -15.74 11.63 -4.14
N THR D 105 -15.70 12.18 -2.93
CA THR D 105 -16.85 12.82 -2.31
C THR D 105 -16.48 14.27 -1.99
N LYS D 106 -17.27 15.21 -2.50
CA LYS D 106 -17.01 16.64 -2.30
C LYS D 106 -17.75 17.09 -1.05
N LEU D 107 -17.01 17.61 -0.08
CA LEU D 107 -17.57 18.05 1.19
C LEU D 107 -17.41 19.56 1.33
N SER D 108 -18.46 20.21 1.84
CA SER D 108 -18.46 21.65 2.08
C SER D 108 -18.99 21.89 3.49
N VAL D 109 -18.08 22.21 4.42
CA VAL D 109 -18.44 22.60 5.77
C VAL D 109 -18.46 24.12 5.84
N LEU D 110 -19.55 24.67 6.36
CA LEU D 110 -19.81 26.10 6.34
C LEU D 110 -19.93 26.62 7.76
N GLU D 111 -19.44 27.84 7.98
CA GLU D 111 -19.55 28.46 9.30
C GLU D 111 -21.01 28.76 9.63
N ASP D 112 -21.70 29.43 8.70
CA ASP D 112 -23.11 29.80 8.87
C ASP D 112 -23.92 29.13 7.77
N LEU D 113 -24.90 28.31 8.16
CA LEU D 113 -25.72 27.62 7.18
C LEU D 113 -26.73 28.55 6.51
N ASN D 114 -27.00 29.72 7.11
CA ASN D 114 -27.93 30.69 6.53
C ASN D 114 -27.33 31.47 5.37
N LYS D 115 -26.09 31.18 4.99
CA LYS D 115 -25.45 31.82 3.84
C LYS D 115 -25.54 30.96 2.58
N VAL D 116 -26.35 29.90 2.60
CA VAL D 116 -26.50 29.03 1.45
C VAL D 116 -27.53 29.62 0.50
N PHE D 117 -27.22 29.63 -0.79
CA PHE D 117 -28.12 30.14 -1.80
C PHE D 117 -28.02 29.32 -3.08
N PRO D 118 -29.15 29.02 -3.73
CA PRO D 118 -29.11 28.26 -4.97
C PRO D 118 -28.63 29.14 -6.12
N PRO D 119 -28.23 28.54 -7.23
CA PRO D 119 -27.78 29.34 -8.38
C PRO D 119 -28.96 29.88 -9.18
N GLU D 120 -28.72 31.03 -9.80
CA GLU D 120 -29.65 31.61 -10.76
C GLU D 120 -29.08 31.39 -12.15
N VAL D 121 -29.72 30.51 -12.91
CA VAL D 121 -29.20 30.04 -14.19
C VAL D 121 -29.86 30.83 -15.32
N ALA D 122 -29.04 31.33 -16.25
CA ALA D 122 -29.53 32.06 -17.40
C ALA D 122 -28.78 31.59 -18.65
N VAL D 123 -29.50 31.53 -19.77
CA VAL D 123 -28.92 31.15 -21.05
C VAL D 123 -28.99 32.36 -21.97
N PHE D 124 -27.87 32.67 -22.62
CA PHE D 124 -27.77 33.81 -23.53
C PHE D 124 -27.59 33.30 -24.94
N GLU D 125 -28.51 33.66 -25.82
CA GLU D 125 -28.52 33.16 -27.18
C GLU D 125 -27.43 33.83 -28.01
N PRO D 126 -26.90 33.14 -29.02
CA PRO D 126 -25.68 33.62 -29.69
C PRO D 126 -25.86 35.00 -30.31
N SER D 127 -24.73 35.65 -30.56
CA SER D 127 -24.71 36.96 -31.17
C SER D 127 -24.93 36.84 -32.68
N GLU D 128 -25.54 37.88 -33.26
CA GLU D 128 -25.72 37.91 -34.71
C GLU D 128 -24.40 38.12 -35.43
N ALA D 129 -23.46 38.84 -34.81
CA ALA D 129 -22.18 39.11 -35.45
C ALA D 129 -21.34 37.84 -35.56
N GLU D 130 -21.41 36.98 -34.54
CA GLU D 130 -20.66 35.73 -34.59
C GLU D 130 -21.23 34.78 -35.64
N ILE D 131 -22.56 34.76 -35.78
CA ILE D 131 -23.18 33.84 -36.74
C ILE D 131 -22.84 34.24 -38.17
N SER D 132 -22.87 35.54 -38.47
CA SER D 132 -22.62 35.97 -39.85
C SER D 132 -21.14 35.94 -40.21
N HIS D 133 -20.26 36.07 -39.22
CA HIS D 133 -18.82 36.12 -39.48
C HIS D 133 -18.18 34.73 -39.47
N THR D 134 -18.48 33.92 -38.46
CA THR D 134 -17.86 32.62 -38.28
C THR D 134 -18.74 31.47 -38.75
N GLN D 135 -20.01 31.73 -39.08
CA GLN D 135 -20.98 30.69 -39.41
C GLN D 135 -21.15 29.68 -38.28
N LYS D 136 -20.87 30.12 -37.04
CA LYS D 136 -21.02 29.31 -35.85
C LYS D 136 -21.76 30.11 -34.79
N ALA D 137 -22.43 29.42 -33.89
CA ALA D 137 -23.28 30.05 -32.87
C ALA D 137 -22.90 29.52 -31.50
N THR D 138 -22.45 30.42 -30.63
CA THR D 138 -22.02 30.06 -29.28
C THR D 138 -23.08 30.48 -28.28
N LEU D 139 -23.75 29.50 -27.69
CA LEU D 139 -24.59 29.77 -26.53
C LEU D 139 -23.71 29.91 -25.29
N VAL D 140 -24.21 30.67 -24.31
CA VAL D 140 -23.49 30.90 -23.06
C VAL D 140 -24.46 30.71 -21.91
N CYS D 141 -24.01 29.99 -20.88
CA CYS D 141 -24.79 29.78 -19.67
C CYS D 141 -24.11 30.45 -18.50
N LEU D 142 -24.91 30.92 -17.54
CA LEU D 142 -24.41 31.56 -16.34
C LEU D 142 -25.14 31.01 -15.13
N ALA D 143 -24.40 30.47 -14.18
CA ALA D 143 -24.92 30.08 -12.87
C ALA D 143 -24.31 31.06 -11.86
N THR D 144 -25.15 31.91 -11.27
CA THR D 144 -24.68 33.03 -10.49
C THR D 144 -25.27 33.03 -9.08
N GLY D 145 -24.51 33.58 -8.15
CA GLY D 145 -24.99 33.86 -6.80
C GLY D 145 -25.29 32.64 -5.96
N PHE D 146 -24.50 31.58 -6.10
CA PHE D 146 -24.75 30.34 -5.38
C PHE D 146 -23.68 30.09 -4.33
N PHE D 147 -24.03 29.32 -3.32
CA PHE D 147 -23.17 29.02 -2.19
C PHE D 147 -23.60 27.71 -1.52
N PRO D 148 -22.64 26.81 -1.18
CA PRO D 148 -21.21 26.92 -1.40
C PRO D 148 -20.77 26.61 -2.83
N ASP D 149 -19.56 26.08 -2.99
CA ASP D 149 -19.01 25.80 -4.31
C ASP D 149 -19.58 24.53 -4.94
N HIS D 150 -20.44 23.80 -4.24
CA HIS D 150 -21.06 22.59 -4.77
C HIS D 150 -21.95 22.91 -5.97
N VAL D 151 -21.45 22.64 -7.17
CA VAL D 151 -22.21 22.92 -8.37
C VAL D 151 -21.71 22.02 -9.49
N GLU D 152 -22.64 21.49 -10.27
CA GLU D 152 -22.34 20.65 -11.43
C GLU D 152 -23.19 21.11 -12.59
N LEU D 153 -22.54 21.57 -13.66
CA LEU D 153 -23.23 22.09 -14.83
C LEU D 153 -23.13 21.10 -15.98
N SER D 154 -24.23 20.94 -16.70
CA SER D 154 -24.28 20.09 -17.87
C SER D 154 -25.13 20.76 -18.94
N TRP D 155 -24.87 20.41 -20.19
CA TRP D 155 -25.64 20.86 -21.33
C TRP D 155 -26.51 19.74 -21.85
N TRP D 156 -27.74 20.08 -22.23
CA TRP D 156 -28.70 19.10 -22.73
C TRP D 156 -29.32 19.65 -24.01
N VAL D 157 -29.16 18.91 -25.10
CA VAL D 157 -29.70 19.29 -26.41
C VAL D 157 -30.68 18.21 -26.84
N ASN D 158 -31.95 18.60 -26.99
CA ASN D 158 -33.01 17.68 -27.39
C ASN D 158 -33.14 16.51 -26.42
N GLY D 159 -33.07 16.82 -25.13
CA GLY D 159 -33.27 15.82 -24.09
C GLY D 159 -32.12 14.87 -23.86
N LYS D 160 -31.00 15.05 -24.55
CA LYS D 160 -29.82 14.21 -24.37
C LYS D 160 -28.62 15.08 -24.06
N GLU D 161 -27.79 14.65 -23.11
CA GLU D 161 -26.65 15.46 -22.69
C GLU D 161 -25.59 15.49 -23.78
N VAL D 162 -25.15 16.70 -24.13
CA VAL D 162 -24.15 16.91 -25.16
C VAL D 162 -22.81 17.21 -24.49
N HIS D 163 -21.73 16.88 -25.18
CA HIS D 163 -20.39 17.18 -24.70
C HIS D 163 -19.59 17.90 -25.78
N SER D 164 -19.83 17.57 -27.03
CA SER D 164 -19.12 18.20 -28.14
C SER D 164 -19.51 19.68 -28.24
N GLY D 165 -18.50 20.54 -28.25
CA GLY D 165 -18.73 21.97 -28.30
C GLY D 165 -19.03 22.60 -26.95
N VAL D 166 -18.85 21.87 -25.86
CA VAL D 166 -19.13 22.37 -24.51
C VAL D 166 -17.82 22.80 -23.86
N CYS D 167 -17.86 23.93 -23.17
CA CYS D 167 -16.71 24.40 -22.42
C CYS D 167 -17.20 25.09 -21.15
N THR D 168 -16.89 24.50 -20.00
CA THR D 168 -17.26 25.05 -18.70
C THR D 168 -16.01 25.53 -17.99
N ASP D 169 -16.14 26.63 -17.25
CA ASP D 169 -15.04 27.10 -16.43
C ASP D 169 -14.63 25.99 -15.46
N PRO D 170 -13.33 25.73 -15.31
CA PRO D 170 -12.91 24.67 -14.39
C PRO D 170 -13.33 24.94 -12.94
N GLN D 171 -13.25 26.19 -12.50
CA GLN D 171 -13.61 26.53 -11.13
C GLN D 171 -14.52 27.76 -11.13
N PRO D 172 -15.58 27.74 -10.33
CA PRO D 172 -16.41 28.94 -10.18
C PRO D 172 -15.62 30.08 -9.53
N LEU D 173 -16.01 31.31 -9.87
CA LEU D 173 -15.33 32.50 -9.38
C LEU D 173 -16.18 33.22 -8.34
N LYS D 174 -15.51 33.89 -7.41
CA LYS D 174 -16.20 34.65 -6.38
C LYS D 174 -16.81 35.92 -6.98
N GLU D 175 -18.03 36.24 -6.55
CA GLU D 175 -18.64 37.51 -6.98
C GLU D 175 -17.98 38.69 -6.28
N GLN D 176 -17.54 38.51 -5.03
CA GLN D 176 -16.74 39.51 -4.31
C GLN D 176 -15.53 38.81 -3.74
N PRO D 177 -14.40 38.83 -4.44
CA PRO D 177 -13.20 38.13 -3.94
C PRO D 177 -12.67 38.69 -2.64
N ALA D 178 -12.94 39.97 -2.34
CA ALA D 178 -12.47 40.55 -1.09
C ALA D 178 -13.29 40.09 0.10
N LEU D 179 -14.58 39.88 -0.09
CA LEU D 179 -15.45 39.49 1.01
C LEU D 179 -15.27 38.01 1.35
N ASN D 180 -15.33 37.71 2.64
CA ASN D 180 -15.19 36.34 3.11
C ASN D 180 -16.46 35.55 2.86
N ASP D 181 -16.30 34.31 2.38
CA ASP D 181 -17.41 33.41 2.09
C ASP D 181 -18.40 34.06 1.12
N SER D 182 -17.87 34.62 0.03
CA SER D 182 -18.70 35.27 -0.96
C SER D 182 -19.43 34.23 -1.80
N ARG D 183 -20.41 34.72 -2.56
CA ARG D 183 -21.10 33.87 -3.53
C ARG D 183 -20.19 33.60 -4.72
N TYR D 184 -20.52 32.54 -5.46
CA TYR D 184 -19.74 32.13 -6.61
C TYR D 184 -20.56 32.27 -7.89
N ALA D 185 -19.86 32.26 -9.02
CA ALA D 185 -20.49 32.34 -10.34
C ALA D 185 -19.74 31.43 -11.29
N LEU D 186 -20.49 30.77 -12.18
CA LEU D 186 -19.93 29.82 -13.13
C LEU D 186 -20.49 30.08 -14.52
N SER D 187 -19.62 30.07 -15.52
CA SER D 187 -20.00 30.28 -16.91
C SER D 187 -19.65 29.04 -17.72
N SER D 188 -20.50 28.72 -18.69
CA SER D 188 -20.25 27.60 -19.58
C SER D 188 -20.66 27.98 -21.00
N ARG D 189 -19.95 27.43 -21.97
CA ARG D 189 -20.17 27.73 -23.38
C ARG D 189 -20.53 26.47 -24.13
N LEU D 190 -21.55 26.58 -25.00
CA LEU D 190 -21.90 25.53 -25.94
C LEU D 190 -21.90 26.15 -27.34
N ARG D 191 -20.98 25.70 -28.18
CA ARG D 191 -20.86 26.22 -29.54
C ARG D 191 -21.39 25.20 -30.53
N VAL D 192 -22.33 25.61 -31.37
CA VAL D 192 -22.91 24.78 -32.41
C VAL D 192 -22.76 25.50 -33.73
N SER D 193 -23.08 24.79 -34.81
CA SER D 193 -23.09 25.42 -36.12
C SER D 193 -24.26 26.39 -36.21
N ALA D 194 -24.10 27.43 -37.04
CA ALA D 194 -25.16 28.41 -37.21
C ALA D 194 -26.44 27.78 -37.72
N THR D 195 -26.30 26.77 -38.60
CA THR D 195 -27.48 26.06 -39.09
C THR D 195 -28.19 25.34 -37.95
N PHE D 196 -27.44 24.74 -37.03
CA PHE D 196 -28.04 24.03 -35.93
C PHE D 196 -28.80 24.97 -35.00
N TRP D 197 -28.23 26.15 -34.73
CA TRP D 197 -28.93 27.13 -33.90
C TRP D 197 -30.14 27.71 -34.62
N GLN D 198 -30.12 27.75 -35.95
CA GLN D 198 -31.22 28.32 -36.71
C GLN D 198 -32.37 27.35 -36.91
N ASN D 199 -32.26 26.11 -36.42
CA ASN D 199 -33.34 25.15 -36.55
C ASN D 199 -34.29 25.30 -35.36
N PRO D 200 -35.55 25.68 -35.57
CA PRO D 200 -36.46 25.87 -34.45
C PRO D 200 -36.87 24.58 -33.75
N ARG D 201 -36.48 23.41 -34.26
CA ARG D 201 -36.79 22.15 -33.62
C ARG D 201 -35.71 21.68 -32.66
N ASN D 202 -34.63 22.45 -32.51
CA ASN D 202 -33.55 22.10 -31.59
C ASN D 202 -33.75 22.78 -30.25
N HIS D 203 -33.72 22.01 -29.18
CA HIS D 203 -34.00 22.47 -27.83
C HIS D 203 -32.72 22.42 -27.00
N PHE D 204 -32.25 23.59 -26.57
CA PHE D 204 -31.05 23.70 -25.74
C PHE D 204 -31.46 23.96 -24.30
N ARG D 205 -30.84 23.26 -23.36
CA ARG D 205 -31.12 23.45 -21.94
C ARG D 205 -29.83 23.38 -21.16
N CYS D 206 -29.51 24.44 -20.42
CA CYS D 206 -28.36 24.44 -19.51
C CYS D 206 -28.84 24.04 -18.12
N GLN D 207 -28.33 22.90 -17.63
CA GLN D 207 -28.75 22.35 -16.35
C GLN D 207 -27.62 22.49 -15.33
N VAL D 208 -27.96 23.05 -14.18
CA VAL D 208 -27.00 23.25 -13.09
C VAL D 208 -27.50 22.50 -11.88
N GLN D 209 -26.68 21.57 -11.39
CA GLN D 209 -27.00 20.78 -10.21
C GLN D 209 -26.35 21.43 -9.00
N PHE D 210 -27.17 21.78 -8.00
CA PHE D 210 -26.71 22.42 -6.78
C PHE D 210 -26.91 21.47 -5.60
N TYR D 211 -25.96 21.51 -4.67
CA TYR D 211 -26.02 20.70 -3.45
C TYR D 211 -26.10 21.62 -2.25
N GLY D 212 -27.14 21.45 -1.45
CA GLY D 212 -27.33 22.29 -0.28
C GLY D 212 -27.91 21.54 0.90
N LEU D 213 -29.04 22.02 1.43
CA LEU D 213 -29.62 21.44 2.62
C LEU D 213 -30.12 20.02 2.36
N SER D 214 -29.89 19.14 3.32
CA SER D 214 -30.30 17.75 3.23
C SER D 214 -31.77 17.61 3.64
N GLU D 215 -32.31 16.40 3.53
CA GLU D 215 -33.69 16.15 3.88
C GLU D 215 -33.88 16.17 5.40
N ASN D 216 -32.90 15.66 6.15
CA ASN D 216 -33.00 15.65 7.60
C ASN D 216 -32.87 17.06 8.17
N ASP D 217 -32.14 17.93 7.50
CA ASP D 217 -31.93 19.29 7.98
C ASP D 217 -33.17 20.14 7.71
N GLU D 218 -33.29 21.22 8.49
CA GLU D 218 -34.39 22.18 8.35
C GLU D 218 -33.84 23.58 8.15
N TRP D 219 -34.67 24.44 7.57
CA TRP D 219 -34.27 25.79 7.18
C TRP D 219 -34.90 26.83 8.09
N THR D 220 -36.21 27.07 7.96
CA THR D 220 -36.97 27.94 8.88
C THR D 220 -36.42 29.37 8.90
N GLN D 221 -36.19 29.92 7.72
CA GLN D 221 -35.79 31.32 7.61
C GLN D 221 -36.80 32.10 6.78
N ASP D 222 -36.40 33.26 6.27
CA ASP D 222 -37.34 34.15 5.58
C ASP D 222 -37.68 33.62 4.19
N ARG D 223 -36.67 33.27 3.41
CA ARG D 223 -36.87 32.87 2.02
C ARG D 223 -37.20 31.38 1.96
N ALA D 224 -37.04 30.78 0.79
CA ALA D 224 -37.30 29.36 0.59
C ALA D 224 -36.07 28.54 0.93
N LYS D 225 -36.30 27.28 1.31
CA LYS D 225 -35.23 26.40 1.73
C LYS D 225 -34.29 26.11 0.57
N PRO D 226 -32.97 26.50 0.66
CA PRO D 226 -32.01 26.22 -0.43
C PRO D 226 -31.48 24.80 -0.38
N VAL D 227 -32.38 23.83 -0.45
CA VAL D 227 -32.01 22.42 -0.43
C VAL D 227 -31.29 22.06 -1.73
N THR D 228 -30.71 20.87 -1.79
CA THR D 228 -30.09 20.41 -3.02
C THR D 228 -31.13 20.29 -4.12
N GLN D 229 -30.88 20.96 -5.24
CA GLN D 229 -31.90 21.10 -6.27
C GLN D 229 -31.21 21.31 -7.61
N ILE D 230 -32.00 21.19 -8.68
CA ILE D 230 -31.56 21.48 -10.04
C ILE D 230 -32.22 22.77 -10.49
N VAL D 231 -31.42 23.71 -10.98
CA VAL D 231 -31.91 24.93 -11.60
C VAL D 231 -31.43 24.92 -13.04
N SER D 232 -32.37 25.05 -13.97
CA SER D 232 -32.06 24.97 -15.39
C SER D 232 -32.66 26.17 -16.13
N ALA D 233 -32.10 26.43 -17.31
CA ALA D 233 -32.58 27.47 -18.20
C ALA D 233 -32.53 26.94 -19.63
N GLU D 234 -33.55 27.27 -20.42
CA GLU D 234 -33.71 26.69 -21.74
C GLU D 234 -33.63 27.76 -22.83
N ALA D 235 -33.39 27.31 -24.05
CA ALA D 235 -33.40 28.16 -25.23
C ALA D 235 -33.73 27.31 -26.45
N TRP D 236 -34.54 27.86 -27.34
CA TRP D 236 -34.93 27.20 -28.57
C TRP D 236 -34.18 27.77 -29.76
N GLY D 237 -33.91 26.92 -30.74
CA GLY D 237 -33.34 27.40 -31.99
C GLY D 237 -34.25 28.41 -32.66
N ARG D 238 -33.63 29.38 -33.33
CA ARG D 238 -34.35 30.50 -33.91
C ARG D 238 -33.88 30.73 -35.34
N ALA D 239 -34.81 30.62 -36.30
CA ALA D 239 -34.47 30.92 -37.68
C ALA D 239 -34.19 32.41 -37.87
N ASP D 240 -34.85 33.27 -37.09
CA ASP D 240 -34.63 34.71 -37.19
C ASP D 240 -33.45 35.15 -36.34
N GLU E 1 15.38 -4.34 5.36
CA GLU E 1 14.94 -5.73 5.17
C GLU E 1 13.69 -5.79 4.29
N GLY E 2 13.78 -6.57 3.21
CA GLY E 2 12.66 -6.75 2.32
C GLY E 2 11.78 -7.91 2.72
N ARG E 3 10.51 -7.83 2.33
CA ARG E 3 9.53 -8.84 2.67
C ARG E 3 8.78 -9.27 1.41
N VAL E 4 8.24 -10.48 1.46
CA VAL E 4 7.33 -10.96 0.42
C VAL E 4 5.91 -10.78 0.93
N ARG E 5 5.03 -10.34 0.05
CA ARG E 5 3.68 -10.00 0.46
C ARG E 5 2.75 -11.20 0.29
N VAL E 6 1.65 -11.18 1.05
CA VAL E 6 0.66 -12.25 1.06
C VAL E 6 -0.50 -11.84 0.17
N ASN E 7 -0.82 -12.68 -0.81
CA ASN E 7 -1.98 -12.44 -1.65
C ASN E 7 -3.26 -12.80 -0.90
N SER E 8 -4.36 -12.16 -1.29
CA SER E 8 -5.67 -12.51 -0.77
C SER E 8 -6.27 -13.63 -1.60
N ALA E 9 -6.85 -14.61 -0.92
CA ALA E 9 -7.37 -15.79 -1.58
C ALA E 9 -8.65 -15.46 -2.36
N TYR E 10 -8.94 -16.29 -3.35
CA TYR E 10 -10.15 -16.12 -4.15
C TYR E 10 -11.38 -16.35 -3.28
N GLN E 11 -12.35 -15.44 -3.38
CA GLN E 11 -13.46 -15.38 -2.45
C GLN E 11 -14.78 -15.59 -3.18
N SER E 12 -15.58 -16.54 -2.69
CA SER E 12 -16.93 -16.77 -3.19
C SER E 12 -17.67 -17.75 -2.28
C1 NAG F . -1.22 -23.56 28.86
C2 NAG F . -2.57 -24.28 28.85
C3 NAG F . -3.71 -23.27 29.02
C4 NAG F . -3.48 -22.43 30.27
C5 NAG F . -2.11 -21.77 30.21
C6 NAG F . -1.77 -21.00 31.47
C7 NAG F . -2.47 -26.33 27.50
C8 NAG F . -2.72 -26.95 26.16
N2 NAG F . -2.75 -25.03 27.62
O3 NAG F . -4.94 -23.96 29.12
O4 NAG F . -4.48 -21.42 30.37
O5 NAG F . -1.10 -22.78 30.06
O6 NAG F . -0.71 -20.08 31.23
O7 NAG F . -2.03 -26.98 28.45
C1 NAG G . -18.98 -31.40 4.40
C2 NAG G . -19.61 -32.28 3.33
C3 NAG G . -20.95 -32.81 3.81
C4 NAG G . -20.78 -33.52 5.15
C5 NAG G . -20.08 -32.61 6.15
C6 NAG G . -19.73 -33.33 7.44
C7 NAG G . -19.08 -31.84 0.97
C8 NAG G . -19.38 -30.98 -0.23
N2 NAG G . -19.76 -31.54 2.09
O3 NAG G . -21.47 -33.72 2.84
O4 NAG G . -22.06 -33.88 5.66
O5 NAG G . -18.83 -32.15 5.61
O6 NAG G . -18.75 -34.33 7.22
O7 NAG G . -18.28 -32.76 0.92
#